data_8DCS
#
_entry.id   8DCS
#
_cell.length_a   1.00
_cell.length_b   1.00
_cell.length_c   1.00
_cell.angle_alpha   90.00
_cell.angle_beta   90.00
_cell.angle_gamma   90.00
#
_symmetry.space_group_name_H-M   'P 1'
#
loop_
_entity.id
_entity.type
_entity.pdbx_description
1 polymer 'Guanine nucleotide-binding protein G(I)/G(S)/G(T) subunit beta-1'
2 polymer 'Nanobody 35'
3 polymer 'Guanine nucleotide-binding protein G(s) subunit alpha isoforms short'
4 polymer 'Guanine nucleotide-binding protein G(I)/G(S)/G(O) subunit gamma-2'
5 polymer 'Endolysin,Endolysin,Beta-1 adrenergic receptor chimera'
6 non-polymer Cyanopindolol
#
loop_
_entity_poly.entity_id
_entity_poly.type
_entity_poly.pdbx_seq_one_letter_code
_entity_poly.pdbx_strand_id
1 'polypeptide(L)'
;SELDQLRQEAEQLKNQIRDARKACADATLSQITNNIDPVGRIQMRTRRTLRGHLAKIYAMHWGTDSRLLVSASQDGKLII
WDSYTTNKVHAIPLRSSWVMTCAYAPSGNYVACGGLDNICSIYNLKTREGNVRVSRELAGHTGYLSCCRFLDDNQIVTSS
GDTTCALWDIETGQQTTTFTGHTGDVMSLSLAPDTRLFVSGACDASAKLWDVREGMCRQTFTGHESDINAICFFPNGNAF
ATGSDDATCRLFDLRADQELMTYSHDNIICGITSVSFSKSGRLLLAGYDDFNCNVWDALKADRAGVLAGHDNRVSCLGVT
DDGMAVATGSWDSFLKIWN
;
B
2 'polypeptide(L)'
;AAQVQLQESGGGLVQPGGSLRLSCAASGFTFSNYKMNWVRQAPGKGLEWVSDISQSGASISYTGSVKGRFTISRDNAKNT
LYLQMNSLKPEDTAVYYCARCPAPFTRDCFDVTSTTYAYRGQGTQVTVSSHHHHHHEPEA
;
N
3 'polypeptide(L)'
;GPLAMGCLGNSKTEDQRNEEKGQREANKKIEKQLQKDKQVYRATHRLLLLGAGESGKSTIVKQMRILHVNGFNGDSEKAT
KVQDIKNNLKEAIETIVAAMSNLVPPVELANPENQFRVDYILSVMNVPDFDFPPEFYEHAKALWEDEGVRACYERSNEYQ
LIDCAQYFLDKIDVIKQDDYVPSDQDLLRCRVLTSGIFETKFQVDKVNFHMFDVGGQRDERRKWIQCFNDVTAIIFVVAS
SSYNMVIREDNQTNRLQEALNLFKSIWNNRWLRTISVILFLNKQDLLAEKVLAGKSKIEDYFPEFARYTTPEDATPEPGE
DPRVTRAKYFIRDEFLRISTASGDGRHYCYPHFTCAVDTENIRRVFNDCRDIIQRMHLRQYELL
;
A
4 'polypeptide(L)' MASNNTASIAQARKLVEQLKMEANIDRIKVSKAAADLMAYCEAHAKEDPLLTPVPASENPFREKKFFSAIL G
5 'polypeptide(L)'
;MKTIIALSYIFCLVFADYKDDDDKLEVLFQGPNIFEMLRIDEGLRLKIYKDTEGYYTIGIGHLLTKSPSLNAAKSELDKA
IGRNTNGVITKDEAEKLFNQDVDAAVRGILRNAKLKPVYDSLDAVRRAALINMVFQMGETGVAGFTNSLRMLQQKRWDEA
AVNLAKSRWYNQTPNRAKRVITTFRTGTWDAYAAGAELLSQQWEAGMSLLMALVVLLIVAGNVLVIAAIGSTQRLQTLTN
LFITSLACADLVVGLLVVPFGATLVVRGTWLWGSFLCELWTSLDVLCVTASIETLCVIAIDRYLAITSPFRYQSLMTRAR
AKVIICTVWAISALVSFLPIMMHWWRDEDPQALKCYQDPGCCDFVTNRAYAIASSIISFYIPLLIMIFVYLRVYREAKEQ
IRKIDRCEGRFREHKALKTLGIIMGVFTLCWLPFFLVNIVNVFNRDLVPDWLFVFFNWLGYANSAFNPIIYCRSPDFRKA
FKRLLCFPRKADRRLEVLFQGPHHHHHH
;
R
#
# COMPACT_ATOMS: atom_id res chain seq x y z
N GLU A 2 -22.58 26.86 41.48
CA GLU A 2 -22.79 25.53 42.03
C GLU A 2 -22.21 24.45 41.12
N LEU A 3 -21.83 24.83 39.90
CA LEU A 3 -21.25 23.87 38.97
C LEU A 3 -19.93 23.30 39.48
N ASP A 4 -19.32 23.94 40.49
CA ASP A 4 -18.05 23.46 41.02
C ASP A 4 -18.23 22.17 41.83
N GLN A 5 -19.43 21.90 42.35
CA GLN A 5 -19.64 20.68 43.12
C GLN A 5 -19.31 19.44 42.30
N LEU A 6 -19.78 19.39 41.05
CA LEU A 6 -19.51 18.23 40.22
C LEU A 6 -18.06 18.20 39.75
N ARG A 7 -17.45 19.36 39.50
CA ARG A 7 -16.02 19.39 39.20
C ARG A 7 -15.23 18.77 40.35
N GLN A 8 -15.62 19.07 41.59
CA GLN A 8 -14.92 18.50 42.75
C GLN A 8 -15.21 17.02 42.90
N GLU A 9 -16.45 16.60 42.66
CA GLU A 9 -16.75 15.18 42.63
C GLU A 9 -15.85 14.46 41.64
N ALA A 10 -15.67 15.04 40.45
CA ALA A 10 -14.84 14.41 39.43
C ALA A 10 -13.37 14.39 39.86
N GLU A 11 -12.89 15.51 40.39
CA GLU A 11 -11.52 15.56 40.89
C GLU A 11 -11.27 14.46 41.92
N GLN A 12 -12.16 14.34 42.90
CA GLN A 12 -11.97 13.35 43.96
C GLN A 12 -12.03 11.94 43.41
N LEU A 13 -13.00 11.65 42.54
CA LEU A 13 -13.07 10.31 41.96
C LEU A 13 -11.81 9.99 41.16
N LYS A 14 -11.31 10.95 40.39
CA LYS A 14 -10.11 10.68 39.60
C LYS A 14 -8.90 10.45 40.50
N ASN A 15 -8.76 11.26 41.56
CA ASN A 15 -7.64 11.08 42.47
C ASN A 15 -7.72 9.73 43.17
N GLN A 16 -8.93 9.31 43.56
CA GLN A 16 -9.09 8.01 44.18
C GLN A 16 -8.73 6.90 43.21
N ILE A 17 -9.14 7.02 41.95
CA ILE A 17 -8.80 6.00 40.97
C ILE A 17 -7.29 5.93 40.77
N ARG A 18 -6.63 7.09 40.73
CA ARG A 18 -5.18 7.09 40.55
C ARG A 18 -4.48 6.48 41.76
N ASP A 19 -4.95 6.77 42.96
CA ASP A 19 -4.33 6.21 44.16
C ASP A 19 -4.53 4.69 44.20
N ALA A 20 -5.75 4.23 43.94
CA ALA A 20 -6.00 2.79 43.91
C ALA A 20 -5.21 2.11 42.81
N ARG A 21 -4.90 2.84 41.73
CA ARG A 21 -4.09 2.26 40.66
C ARG A 21 -2.65 2.11 41.10
N LYS A 22 -2.08 3.16 41.69
CA LYS A 22 -0.72 3.07 42.19
C LYS A 22 -0.60 1.98 43.24
N ALA A 23 -1.58 1.87 44.13
CA ALA A 23 -1.53 0.90 45.22
C ALA A 23 -1.27 -0.51 44.71
N CYS A 24 -1.94 -0.90 43.62
CA CYS A 24 -1.86 -2.27 43.16
C CYS A 24 -0.55 -2.58 42.46
N ALA A 25 0.20 -1.57 42.02
CA ALA A 25 1.45 -1.80 41.30
C ALA A 25 2.51 -2.26 42.30
N ASP A 26 2.55 -3.57 42.53
CA ASP A 26 3.53 -4.18 43.43
C ASP A 26 4.83 -4.50 42.69
N ALA A 27 4.72 -5.31 41.65
CA ALA A 27 5.84 -5.71 40.82
C ALA A 27 5.53 -5.35 39.38
N THR A 28 6.40 -5.79 38.47
CA THR A 28 6.21 -5.57 37.05
C THR A 28 6.34 -6.90 36.33
N LEU A 29 5.58 -7.06 35.24
CA LEU A 29 5.57 -8.32 34.52
C LEU A 29 6.98 -8.80 34.24
N SER A 30 7.87 -7.90 33.85
CA SER A 30 9.28 -8.24 33.70
C SER A 30 9.79 -9.00 34.92
N GLN A 31 9.57 -8.44 36.11
CA GLN A 31 10.11 -9.04 37.33
C GLN A 31 9.58 -10.47 37.53
N ILE A 32 8.25 -10.62 37.62
CA ILE A 32 7.64 -11.91 37.87
C ILE A 32 7.99 -12.93 36.79
N THR A 33 8.57 -12.50 35.67
CA THR A 33 8.85 -13.38 34.55
C THR A 33 10.33 -13.71 34.37
N ASN A 34 11.24 -12.98 35.04
CA ASN A 34 12.67 -13.09 34.77
C ASN A 34 13.12 -14.53 34.55
N ASN A 35 12.78 -15.43 35.47
CA ASN A 35 13.29 -16.79 35.39
C ASN A 35 12.83 -17.48 34.11
N ILE A 36 11.64 -17.14 33.62
CA ILE A 36 11.02 -17.87 32.52
C ILE A 36 12.01 -18.04 31.38
N ASP A 37 11.99 -19.22 30.77
CA ASP A 37 12.82 -19.47 29.60
C ASP A 37 12.41 -18.56 28.45
N PRO A 38 13.36 -18.09 27.64
CA PRO A 38 12.97 -17.39 26.41
C PRO A 38 12.31 -18.35 25.43
N VAL A 39 11.38 -17.82 24.64
CA VAL A 39 10.63 -18.65 23.71
C VAL A 39 11.57 -19.44 22.83
N GLY A 40 12.66 -18.82 22.41
CA GLY A 40 13.51 -19.38 21.38
C GLY A 40 13.50 -18.49 20.16
N ARG A 41 13.71 -19.07 18.99
CA ARG A 41 13.58 -18.36 17.72
C ARG A 41 12.45 -19.01 16.93
N ILE A 42 11.51 -18.19 16.47
CA ILE A 42 10.30 -18.66 15.83
C ILE A 42 10.51 -18.57 14.33
N GLN A 43 10.88 -19.68 13.72
CA GLN A 43 11.05 -19.76 12.28
C GLN A 43 9.82 -20.44 11.71
N MET A 44 8.89 -19.65 11.19
CA MET A 44 7.74 -20.16 10.48
C MET A 44 7.95 -19.97 8.99
N ARG A 45 7.34 -20.84 8.20
CA ARG A 45 7.42 -20.75 6.77
C ARG A 45 6.01 -20.65 6.17
N THR A 46 5.95 -20.07 4.99
CA THR A 46 4.75 -20.16 4.17
C THR A 46 4.51 -21.60 3.77
N ARG A 47 3.27 -22.06 3.94
CA ARG A 47 2.83 -23.36 3.46
C ARG A 47 1.80 -23.26 2.36
N ARG A 48 1.10 -22.14 2.26
CA ARG A 48 0.10 -21.94 1.22
C ARG A 48 0.14 -20.48 0.81
N THR A 49 -0.08 -20.24 -0.47
CA THR A 49 -0.36 -18.90 -0.97
C THR A 49 -1.72 -18.97 -1.63
N LEU A 50 -2.72 -18.34 -1.02
CA LEU A 50 -4.05 -18.29 -1.60
C LEU A 50 -4.08 -17.13 -2.57
N ARG A 51 -4.26 -17.44 -3.85
CA ARG A 51 -4.28 -16.45 -4.91
C ARG A 51 -5.68 -16.39 -5.49
N GLY A 52 -6.09 -15.22 -5.93
CA GLY A 52 -7.36 -15.08 -6.57
C GLY A 52 -8.07 -13.78 -6.29
N HIS A 53 -7.72 -13.09 -5.20
CA HIS A 53 -8.21 -11.74 -5.00
C HIS A 53 -7.52 -10.79 -5.97
N LEU A 54 -8.27 -9.81 -6.45
CA LEU A 54 -7.77 -8.90 -7.46
C LEU A 54 -7.20 -7.62 -6.88
N ALA A 55 -7.59 -7.25 -5.67
CA ALA A 55 -7.12 -6.01 -5.04
C ALA A 55 -6.73 -6.35 -3.61
N LYS A 56 -6.38 -5.32 -2.84
CA LYS A 56 -5.90 -5.54 -1.49
C LYS A 56 -6.96 -6.22 -0.63
N ILE A 57 -6.48 -7.03 0.30
CA ILE A 57 -7.32 -7.73 1.27
C ILE A 57 -7.38 -6.89 2.53
N TYR A 58 -8.59 -6.65 3.02
CA TYR A 58 -8.75 -5.85 4.24
C TYR A 58 -8.92 -6.70 5.48
N ALA A 59 -9.65 -7.80 5.40
CA ALA A 59 -9.97 -8.58 6.57
C ALA A 59 -10.02 -10.05 6.21
N MET A 60 -9.78 -10.90 7.20
CA MET A 60 -10.01 -12.32 7.08
C MET A 60 -10.47 -12.86 8.42
N HIS A 61 -11.21 -13.96 8.38
CA HIS A 61 -11.62 -14.64 9.59
C HIS A 61 -11.71 -16.13 9.29
N TRP A 62 -11.34 -16.96 10.27
CA TRP A 62 -11.13 -18.37 9.99
C TRP A 62 -12.45 -19.16 9.91
N GLY A 63 -13.08 -19.42 11.03
CA GLY A 63 -14.15 -20.41 11.02
C GLY A 63 -13.79 -21.55 11.93
N THR A 64 -14.70 -21.93 12.81
CA THR A 64 -14.31 -22.72 13.96
C THR A 64 -13.79 -24.11 13.60
N ASP A 65 -13.88 -24.52 12.35
CA ASP A 65 -13.37 -25.82 11.96
C ASP A 65 -11.88 -25.80 11.63
N SER A 66 -11.26 -24.62 11.60
CA SER A 66 -9.83 -24.44 11.38
C SER A 66 -9.38 -24.90 10.02
N ARG A 67 -10.29 -25.03 9.09
CA ARG A 67 -9.99 -25.42 7.72
C ARG A 67 -10.52 -24.45 6.70
N LEU A 68 -11.73 -23.94 6.89
CA LEU A 68 -12.31 -22.98 5.99
C LEU A 68 -12.00 -21.58 6.50
N LEU A 69 -11.76 -20.65 5.59
CA LEU A 69 -11.58 -19.27 6.00
C LEU A 69 -12.23 -18.36 4.98
N VAL A 70 -12.70 -17.23 5.45
CA VAL A 70 -13.30 -16.21 4.60
C VAL A 70 -12.35 -15.03 4.55
N SER A 71 -12.18 -14.47 3.36
CA SER A 71 -11.38 -13.28 3.20
C SER A 71 -12.19 -12.27 2.40
N ALA A 72 -11.97 -11.00 2.72
CA ALA A 72 -12.67 -9.89 2.11
C ALA A 72 -11.67 -9.00 1.39
N SER A 73 -11.93 -8.75 0.12
CA SER A 73 -11.05 -7.90 -0.67
C SER A 73 -11.86 -6.75 -1.25
N GLN A 74 -11.23 -5.60 -1.38
CA GLN A 74 -11.89 -4.44 -1.93
C GLN A 74 -12.03 -4.50 -3.44
N ASP A 75 -11.66 -5.63 -4.04
CA ASP A 75 -12.11 -5.94 -5.39
C ASP A 75 -13.61 -6.27 -5.42
N GLY A 76 -14.24 -6.39 -4.27
CA GLY A 76 -15.66 -6.65 -4.20
C GLY A 76 -16.03 -8.10 -4.01
N LYS A 77 -15.20 -8.90 -3.36
CA LYS A 77 -15.41 -10.32 -3.21
C LYS A 77 -15.15 -10.77 -1.79
N LEU A 78 -16.07 -11.61 -1.29
CA LEU A 78 -15.75 -12.56 -0.24
C LEU A 78 -15.36 -13.87 -0.91
N ILE A 79 -14.20 -14.40 -0.55
CA ILE A 79 -13.82 -15.73 -1.01
C ILE A 79 -13.76 -16.64 0.21
N ILE A 80 -14.42 -17.78 0.11
CA ILE A 80 -14.40 -18.81 1.14
C ILE A 80 -13.52 -19.93 0.61
N TRP A 81 -12.39 -20.14 1.28
CA TRP A 81 -11.33 -21.02 0.86
C TRP A 81 -11.27 -22.24 1.77
N ASP A 82 -11.07 -23.41 1.16
CA ASP A 82 -10.51 -24.56 1.85
C ASP A 82 -9.01 -24.38 1.88
N SER A 83 -8.43 -24.34 3.07
CA SER A 83 -7.01 -24.05 3.20
C SER A 83 -6.15 -25.29 3.07
N TYR A 84 -6.73 -26.47 3.23
CA TYR A 84 -5.95 -27.70 3.06
C TYR A 84 -5.59 -27.92 1.60
N THR A 85 -6.52 -27.60 0.69
CA THR A 85 -6.34 -27.86 -0.73
C THR A 85 -6.27 -26.59 -1.55
N THR A 86 -6.40 -25.43 -0.94
CA THR A 86 -6.35 -24.15 -1.63
C THR A 86 -7.49 -24.00 -2.66
N ASN A 87 -8.50 -24.84 -2.57
CA ASN A 87 -9.66 -24.73 -3.45
C ASN A 87 -10.61 -23.68 -2.94
N LYS A 88 -11.24 -22.99 -3.87
CA LYS A 88 -12.24 -21.98 -3.54
C LYS A 88 -13.60 -22.66 -3.38
N VAL A 89 -14.16 -22.58 -2.18
CA VAL A 89 -15.46 -23.16 -1.93
C VAL A 89 -16.57 -22.22 -2.36
N HIS A 90 -16.43 -20.93 -2.08
CA HIS A 90 -17.41 -19.97 -2.54
C HIS A 90 -16.73 -18.69 -2.97
N ALA A 91 -17.38 -17.98 -3.90
CA ALA A 91 -17.00 -16.63 -4.27
C ALA A 91 -18.27 -15.80 -4.28
N ILE A 92 -18.44 -14.98 -3.25
CA ILE A 92 -19.64 -14.17 -3.06
C ILE A 92 -19.34 -12.77 -3.58
N PRO A 93 -20.04 -12.30 -4.62
CA PRO A 93 -19.87 -10.91 -5.04
C PRO A 93 -20.72 -9.98 -4.17
N LEU A 94 -20.11 -8.90 -3.72
CA LEU A 94 -20.72 -7.99 -2.77
C LEU A 94 -21.33 -6.81 -3.50
N ARG A 95 -22.39 -6.25 -2.92
CA ARG A 95 -23.05 -5.11 -3.54
C ARG A 95 -22.16 -3.88 -3.51
N SER A 96 -21.49 -3.62 -2.39
CA SER A 96 -20.57 -2.52 -2.25
C SER A 96 -19.15 -3.08 -2.10
N SER A 97 -18.23 -2.55 -2.89
CA SER A 97 -16.89 -3.11 -2.97
C SER A 97 -15.98 -2.66 -1.83
N TRP A 98 -16.33 -1.61 -1.08
CA TRP A 98 -15.42 -1.05 -0.09
C TRP A 98 -15.69 -1.70 1.27
N VAL A 99 -15.30 -2.94 1.37
CA VAL A 99 -15.51 -3.76 2.55
C VAL A 99 -14.28 -3.64 3.44
N MET A 100 -14.48 -3.70 4.75
CA MET A 100 -13.40 -3.54 5.70
C MET A 100 -13.33 -4.62 6.74
N THR A 101 -14.40 -5.37 6.96
CA THR A 101 -14.41 -6.45 7.92
C THR A 101 -15.19 -7.61 7.34
N CYS A 102 -15.05 -8.78 7.95
CA CYS A 102 -15.82 -9.94 7.57
C CYS A 102 -15.79 -10.91 8.73
N ALA A 103 -16.89 -11.61 8.94
CA ALA A 103 -17.01 -12.55 10.04
C ALA A 103 -17.52 -13.88 9.53
N TYR A 104 -17.03 -14.95 10.14
CA TYR A 104 -17.46 -16.31 9.86
C TYR A 104 -18.20 -16.79 11.10
N ALA A 105 -19.48 -17.10 10.94
CA ALA A 105 -20.28 -17.48 12.08
C ALA A 105 -19.75 -18.78 12.70
N PRO A 106 -19.85 -18.93 14.02
CA PRO A 106 -19.36 -20.17 14.66
C PRO A 106 -20.04 -21.45 14.20
N SER A 107 -21.24 -21.38 13.64
CA SER A 107 -21.93 -22.59 13.18
C SER A 107 -21.59 -22.95 11.74
N GLY A 108 -20.97 -22.04 11.00
CA GLY A 108 -20.58 -22.29 9.63
C GLY A 108 -21.65 -22.00 8.60
N ASN A 109 -22.82 -21.54 9.01
CA ASN A 109 -23.95 -21.36 8.10
C ASN A 109 -24.01 -19.98 7.47
N TYR A 110 -23.35 -18.99 8.06
CA TYR A 110 -23.48 -17.63 7.60
C TYR A 110 -22.10 -16.97 7.56
N VAL A 111 -21.97 -15.97 6.69
CA VAL A 111 -20.87 -15.02 6.80
C VAL A 111 -21.46 -13.63 6.89
N ALA A 112 -20.63 -12.68 7.30
CA ALA A 112 -21.03 -11.30 7.48
C ALA A 112 -19.93 -10.38 7.00
N CYS A 113 -20.30 -9.28 6.36
CA CYS A 113 -19.30 -8.32 5.91
C CYS A 113 -19.91 -6.92 5.94
N GLY A 114 -19.05 -5.93 5.74
CA GLY A 114 -19.48 -4.55 5.75
C GLY A 114 -18.30 -3.61 5.64
N GLY A 115 -18.61 -2.34 5.42
CA GLY A 115 -17.56 -1.36 5.21
C GLY A 115 -18.06 0.07 5.12
N LEU A 116 -17.57 0.80 4.13
CA LEU A 116 -18.00 2.17 3.88
C LEU A 116 -19.49 2.29 3.56
N ASP A 117 -20.19 1.19 3.36
CA ASP A 117 -21.63 1.26 3.11
C ASP A 117 -22.45 1.42 4.38
N ASN A 118 -21.82 1.32 5.55
CA ASN A 118 -22.45 1.52 6.85
C ASN A 118 -23.46 0.42 7.18
N ILE A 119 -23.35 -0.73 6.52
CA ILE A 119 -24.30 -1.82 6.65
C ILE A 119 -23.53 -3.08 7.04
N CYS A 120 -24.15 -3.94 7.84
CA CYS A 120 -23.62 -5.28 8.06
C CYS A 120 -24.50 -6.26 7.31
N SER A 121 -23.96 -6.85 6.25
CA SER A 121 -24.69 -7.78 5.42
C SER A 121 -24.40 -9.21 5.86
N ILE A 122 -25.46 -10.02 5.93
CA ILE A 122 -25.40 -11.38 6.43
C ILE A 122 -25.85 -12.33 5.32
N TYR A 123 -24.92 -13.18 4.87
CA TYR A 123 -25.09 -14.08 3.74
C TYR A 123 -25.27 -15.51 4.24
N ASN A 124 -26.25 -16.20 3.67
CA ASN A 124 -26.53 -17.60 3.98
C ASN A 124 -25.67 -18.50 3.11
N LEU A 125 -25.09 -19.53 3.72
CA LEU A 125 -24.25 -20.47 2.98
C LEU A 125 -24.91 -21.82 2.75
N LYS A 126 -26.04 -22.09 3.39
CA LYS A 126 -26.75 -23.35 3.27
C LYS A 126 -28.13 -23.07 2.71
N THR A 127 -28.40 -23.56 1.50
CA THR A 127 -29.71 -23.39 0.89
C THR A 127 -30.06 -24.65 0.11
N ARG A 128 -31.34 -25.04 0.19
CA ARG A 128 -31.82 -26.14 -0.65
C ARG A 128 -31.63 -25.80 -2.13
N GLU A 129 -31.83 -24.53 -2.48
CA GLU A 129 -31.57 -24.09 -3.85
C GLU A 129 -30.14 -24.42 -4.25
N GLY A 130 -29.17 -23.97 -3.47
CA GLY A 130 -27.78 -24.25 -3.74
C GLY A 130 -27.00 -23.02 -4.17
N ASN A 131 -27.37 -21.85 -3.64
CA ASN A 131 -26.73 -20.61 -4.01
C ASN A 131 -26.70 -19.69 -2.80
N VAL A 132 -25.56 -19.02 -2.60
CA VAL A 132 -25.39 -18.12 -1.46
C VAL A 132 -26.12 -16.83 -1.75
N ARG A 133 -27.02 -16.44 -0.85
CA ARG A 133 -27.83 -15.24 -1.00
C ARG A 133 -27.76 -14.39 0.26
N VAL A 134 -27.98 -13.10 0.08
CA VAL A 134 -28.10 -12.20 1.23
C VAL A 134 -29.34 -12.59 2.03
N SER A 135 -29.15 -12.89 3.31
CA SER A 135 -30.27 -13.16 4.19
C SER A 135 -30.68 -11.95 5.03
N ARG A 136 -29.77 -11.00 5.24
CA ARG A 136 -30.15 -9.85 6.06
C ARG A 136 -29.22 -8.68 5.78
N GLU A 137 -29.75 -7.47 5.97
CA GLU A 137 -28.97 -6.24 5.95
C GLU A 137 -29.25 -5.46 7.23
N LEU A 138 -28.22 -5.30 8.05
CA LEU A 138 -28.32 -4.58 9.32
C LEU A 138 -27.93 -3.13 9.09
N ALA A 139 -28.92 -2.25 9.13
CA ALA A 139 -28.73 -0.82 8.95
C ALA A 139 -29.06 -0.08 10.23
N GLY A 140 -28.39 1.05 10.44
CA GLY A 140 -28.59 1.82 11.66
C GLY A 140 -27.33 2.52 12.14
N HIS A 141 -26.17 2.13 11.64
CA HIS A 141 -24.94 2.84 11.94
C HIS A 141 -24.85 4.09 11.08
N THR A 142 -24.15 5.10 11.61
CA THR A 142 -23.96 6.36 10.93
C THR A 142 -22.51 6.57 10.50
N GLY A 143 -21.67 5.56 10.63
CA GLY A 143 -20.32 5.58 10.12
C GLY A 143 -19.95 4.19 9.65
N TYR A 144 -18.75 4.08 9.07
CA TYR A 144 -18.35 2.84 8.41
C TYR A 144 -18.22 1.70 9.41
N LEU A 145 -18.54 0.49 8.94
CA LEU A 145 -18.32 -0.72 9.71
C LEU A 145 -16.85 -1.07 9.70
N SER A 146 -16.27 -1.25 10.88
CA SER A 146 -14.86 -1.58 10.99
C SER A 146 -14.60 -3.00 11.49
N CYS A 147 -15.59 -3.62 12.14
CA CYS A 147 -15.42 -4.96 12.67
C CYS A 147 -16.80 -5.48 13.05
N CYS A 148 -16.97 -6.79 12.92
CA CYS A 148 -18.20 -7.46 13.31
C CYS A 148 -17.84 -8.85 13.78
N ARG A 149 -18.66 -9.38 14.70
CA ARG A 149 -18.46 -10.73 15.20
C ARG A 149 -19.79 -11.32 15.61
N PHE A 150 -20.00 -12.58 15.23
CA PHE A 150 -21.19 -13.33 15.62
C PHE A 150 -21.09 -13.79 17.07
N LEU A 151 -22.18 -13.65 17.81
CA LEU A 151 -22.31 -14.37 19.07
C LEU A 151 -22.92 -15.74 18.86
N ASP A 152 -23.76 -15.88 17.85
CA ASP A 152 -24.45 -17.11 17.49
C ASP A 152 -25.24 -16.77 16.24
N ASP A 153 -25.93 -17.78 15.68
CA ASP A 153 -26.61 -17.59 14.41
C ASP A 153 -27.55 -16.39 14.40
N ASN A 154 -27.97 -15.89 15.56
CA ASN A 154 -29.02 -14.88 15.61
C ASN A 154 -28.57 -13.51 16.09
N GLN A 155 -27.38 -13.39 16.67
CA GLN A 155 -26.91 -12.10 17.17
C GLN A 155 -25.56 -11.76 16.58
N ILE A 156 -25.30 -10.46 16.40
CA ILE A 156 -23.99 -10.04 15.89
C ILE A 156 -23.65 -8.67 16.47
N VAL A 157 -22.39 -8.50 16.90
CA VAL A 157 -21.90 -7.26 17.48
C VAL A 157 -21.02 -6.54 16.47
N THR A 158 -21.28 -5.26 16.24
CA THR A 158 -20.58 -4.46 15.26
C THR A 158 -19.94 -3.23 15.91
N SER A 159 -18.90 -2.71 15.25
CA SER A 159 -18.21 -1.49 15.67
C SER A 159 -18.07 -0.59 14.46
N SER A 160 -18.13 0.72 14.71
CA SER A 160 -18.32 1.69 13.65
C SER A 160 -17.45 2.92 13.85
N GLY A 161 -17.17 3.60 12.74
CA GLY A 161 -16.57 4.92 12.77
C GLY A 161 -17.42 5.99 13.43
N ASP A 162 -18.70 5.72 13.70
CA ASP A 162 -19.55 6.67 14.41
C ASP A 162 -19.33 6.65 15.92
N THR A 163 -18.26 5.99 16.39
CA THR A 163 -17.83 5.98 17.78
C THR A 163 -18.73 5.15 18.67
N THR A 164 -19.54 4.27 18.11
CA THR A 164 -20.41 3.41 18.89
C THR A 164 -20.23 1.96 18.47
N CYS A 165 -20.62 1.06 19.35
CA CYS A 165 -20.78 -0.34 19.02
C CYS A 165 -22.25 -0.71 19.17
N ALA A 166 -22.66 -1.80 18.53
CA ALA A 166 -24.06 -2.20 18.59
C ALA A 166 -24.19 -3.71 18.59
N LEU A 167 -25.15 -4.20 19.38
CA LEU A 167 -25.58 -5.59 19.31
C LEU A 167 -26.85 -5.67 18.49
N TRP A 168 -26.95 -6.67 17.62
CA TRP A 168 -28.09 -6.82 16.75
C TRP A 168 -28.71 -8.21 16.90
N ASP A 169 -30.03 -8.24 16.80
CA ASP A 169 -30.81 -9.46 16.62
C ASP A 169 -31.03 -9.67 15.13
N ILE A 170 -30.54 -10.78 14.60
CA ILE A 170 -30.48 -10.95 13.16
C ILE A 170 -31.85 -11.22 12.58
N GLU A 171 -32.66 -12.05 13.25
CA GLU A 171 -33.94 -12.45 12.67
C GLU A 171 -34.87 -11.26 12.48
N THR A 172 -34.80 -10.26 13.36
CA THR A 172 -35.70 -9.12 13.26
C THR A 172 -35.03 -7.88 12.67
N GLY A 173 -33.73 -7.92 12.44
CA GLY A 173 -33.03 -6.82 11.82
C GLY A 173 -32.83 -5.60 12.69
N GLN A 174 -33.05 -5.71 14.00
CA GLN A 174 -33.05 -4.56 14.88
C GLN A 174 -31.81 -4.51 15.75
N GLN A 175 -31.64 -3.36 16.39
CA GLN A 175 -30.46 -3.00 17.14
C GLN A 175 -30.85 -3.00 18.62
N THR A 176 -30.53 -4.10 19.32
CA THR A 176 -31.03 -4.28 20.68
C THR A 176 -30.31 -3.39 21.68
N THR A 177 -28.99 -3.46 21.74
CA THR A 177 -28.20 -2.65 22.64
C THR A 177 -27.22 -1.80 21.86
N THR A 178 -26.95 -0.62 22.37
CA THR A 178 -25.99 0.31 21.80
C THR A 178 -24.98 0.71 22.86
N PHE A 179 -23.71 0.79 22.47
CA PHE A 179 -22.60 1.02 23.38
C PHE A 179 -21.93 2.33 22.97
N THR A 180 -22.02 3.33 23.85
CA THR A 180 -21.49 4.67 23.60
C THR A 180 -20.51 5.05 24.69
N GLY A 181 -19.60 5.96 24.34
CA GLY A 181 -18.59 6.39 25.29
C GLY A 181 -17.23 6.68 24.69
N HIS A 182 -16.90 6.04 23.57
CA HIS A 182 -15.70 6.41 22.84
C HIS A 182 -15.89 7.78 22.21
N THR A 183 -14.79 8.49 22.02
CA THR A 183 -14.83 9.78 21.34
C THR A 183 -14.21 9.74 19.95
N GLY A 184 -13.53 8.64 19.58
CA GLY A 184 -13.00 8.47 18.25
C GLY A 184 -13.57 7.23 17.57
N ASP A 185 -13.26 7.09 16.28
CA ASP A 185 -13.60 5.90 15.52
C ASP A 185 -13.21 4.64 16.27
N VAL A 186 -14.18 3.76 16.50
CA VAL A 186 -13.87 2.43 16.99
C VAL A 186 -13.36 1.62 15.79
N MET A 187 -12.20 1.00 15.95
CA MET A 187 -11.52 0.35 14.84
C MET A 187 -11.57 -1.17 14.90
N SER A 188 -11.67 -1.73 16.09
CA SER A 188 -11.54 -3.16 16.28
C SER A 188 -12.34 -3.54 17.51
N LEU A 189 -12.95 -4.71 17.48
CA LEU A 189 -13.57 -5.30 18.65
C LEU A 189 -13.06 -6.73 18.79
N SER A 190 -13.27 -7.30 19.96
CA SER A 190 -12.82 -8.65 20.25
C SER A 190 -13.72 -9.22 21.32
N LEU A 191 -14.37 -10.33 21.02
CA LEU A 191 -15.30 -10.96 21.93
C LEU A 191 -14.57 -11.76 22.98
N ALA A 192 -15.02 -11.66 24.21
CA ALA A 192 -14.47 -12.52 25.25
C ALA A 192 -14.90 -13.96 25.00
N PRO A 193 -14.04 -14.94 25.26
CA PRO A 193 -14.38 -16.32 24.89
C PRO A 193 -15.66 -16.86 25.52
N ASP A 194 -16.28 -16.11 26.43
CA ASP A 194 -17.58 -16.47 26.97
C ASP A 194 -18.72 -15.66 26.34
N THR A 195 -18.41 -14.58 25.63
CA THR A 195 -19.38 -13.78 24.91
C THR A 195 -20.25 -12.93 25.83
N ARG A 196 -19.88 -12.79 27.10
CA ARG A 196 -20.58 -11.88 27.99
C ARG A 196 -19.99 -10.48 27.97
N LEU A 197 -18.71 -10.36 27.63
CA LEU A 197 -18.04 -9.07 27.57
C LEU A 197 -17.37 -8.93 26.23
N PHE A 198 -17.04 -7.70 25.86
CA PHE A 198 -16.15 -7.50 24.74
C PHE A 198 -15.39 -6.19 24.92
N VAL A 199 -14.22 -6.10 24.31
CA VAL A 199 -13.38 -4.92 24.38
C VAL A 199 -13.34 -4.27 23.02
N SER A 200 -13.27 -2.94 23.02
CA SER A 200 -13.17 -2.16 21.80
C SER A 200 -12.01 -1.18 21.91
N GLY A 201 -11.36 -0.95 20.78
CA GLY A 201 -10.27 0.02 20.71
C GLY A 201 -10.55 1.06 19.66
N ALA A 202 -10.28 2.32 19.99
CA ALA A 202 -10.75 3.45 19.21
C ALA A 202 -9.60 4.39 18.90
N CYS A 203 -9.91 5.43 18.12
CA CYS A 203 -8.96 6.43 17.70
C CYS A 203 -8.84 7.58 18.69
N ASP A 204 -9.23 7.37 19.95
CA ASP A 204 -8.94 8.27 21.04
C ASP A 204 -7.83 7.74 21.93
N ALA A 205 -7.17 6.67 21.50
CA ALA A 205 -6.06 6.04 22.19
C ALA A 205 -6.48 5.28 23.44
N SER A 206 -7.75 4.92 23.57
CA SER A 206 -8.23 4.20 24.74
C SER A 206 -9.00 2.96 24.30
N ALA A 207 -9.07 1.99 25.21
CA ALA A 207 -9.84 0.78 25.01
C ALA A 207 -10.87 0.65 26.12
N LYS A 208 -12.07 0.21 25.76
CA LYS A 208 -13.17 0.09 26.72
C LYS A 208 -13.69 -1.34 26.79
N LEU A 209 -14.10 -1.73 27.99
CA LEU A 209 -14.69 -3.04 28.25
C LEU A 209 -16.19 -2.89 28.42
N TRP A 210 -16.96 -3.76 27.78
CA TRP A 210 -18.41 -3.65 27.72
C TRP A 210 -19.08 -4.94 28.16
N ASP A 211 -20.11 -4.80 28.99
CA ASP A 211 -21.04 -5.87 29.28
C ASP A 211 -22.10 -5.92 28.19
N VAL A 212 -22.31 -7.10 27.61
CA VAL A 212 -23.20 -7.20 26.46
C VAL A 212 -24.65 -7.04 26.89
N ARG A 213 -25.05 -7.68 27.98
CA ARG A 213 -26.43 -7.60 28.43
C ARG A 213 -26.75 -6.24 29.02
N GLU A 214 -25.99 -5.83 30.05
CA GLU A 214 -26.27 -4.56 30.71
C GLU A 214 -26.13 -3.39 29.74
N GLY A 215 -25.14 -3.44 28.85
CA GLY A 215 -25.02 -2.44 27.83
C GLY A 215 -24.24 -1.20 28.21
N MET A 216 -23.45 -1.25 29.27
CA MET A 216 -22.74 -0.10 29.78
C MET A 216 -21.24 -0.38 29.84
N CYS A 217 -20.46 0.69 29.99
CA CYS A 217 -19.00 0.59 30.00
C CYS A 217 -18.51 0.33 31.41
N ARG A 218 -17.68 -0.70 31.55
CA ARG A 218 -17.21 -1.13 32.86
C ARG A 218 -15.81 -0.63 33.21
N GLN A 219 -14.94 -0.48 32.21
CA GLN A 219 -13.57 -0.06 32.43
C GLN A 219 -13.05 0.64 31.19
N THR A 220 -12.14 1.57 31.40
CA THR A 220 -11.45 2.27 30.33
C THR A 220 -9.96 2.18 30.58
N PHE A 221 -9.19 2.09 29.50
CA PHE A 221 -7.76 1.87 29.55
C PHE A 221 -7.09 2.88 28.65
N THR A 222 -6.09 3.57 29.17
CA THR A 222 -5.29 4.51 28.40
C THR A 222 -3.82 4.18 28.60
N GLY A 223 -2.97 4.83 27.82
CA GLY A 223 -1.55 4.60 27.91
C GLY A 223 -0.89 4.65 26.55
N HIS A 224 -1.66 4.35 25.51
CA HIS A 224 -1.19 4.54 24.15
C HIS A 224 -1.14 6.03 23.83
N GLU A 225 -0.27 6.39 22.89
CA GLU A 225 -0.13 7.77 22.47
C GLU A 225 -0.97 8.10 21.25
N SER A 226 -1.40 7.12 20.48
CA SER A 226 -2.09 7.37 19.23
C SER A 226 -3.19 6.33 19.05
N ASP A 227 -3.81 6.33 17.88
CA ASP A 227 -4.96 5.47 17.59
C ASP A 227 -4.66 4.01 17.83
N ILE A 228 -5.60 3.31 18.45
CA ILE A 228 -5.57 1.87 18.58
C ILE A 228 -6.24 1.28 17.34
N ASN A 229 -5.48 0.53 16.55
CA ASN A 229 -5.98 -0.06 15.32
C ASN A 229 -6.51 -1.49 15.51
N ALA A 230 -6.05 -2.19 16.53
CA ALA A 230 -6.28 -3.62 16.65
C ALA A 230 -6.35 -4.01 18.11
N ILE A 231 -7.19 -4.97 18.42
CA ILE A 231 -7.40 -5.43 19.79
C ILE A 231 -7.77 -6.89 19.76
N CYS A 232 -7.25 -7.66 20.71
CA CYS A 232 -7.46 -9.09 20.74
C CYS A 232 -7.36 -9.57 22.18
N PHE A 233 -8.36 -10.32 22.62
CA PHE A 233 -8.35 -10.87 23.96
C PHE A 233 -7.26 -11.91 24.12
N PHE A 234 -6.65 -11.92 25.30
CA PHE A 234 -5.84 -13.03 25.71
C PHE A 234 -6.72 -14.28 25.90
N PRO A 235 -6.20 -15.47 25.59
CA PRO A 235 -7.07 -16.66 25.55
C PRO A 235 -7.93 -16.93 26.78
N ASN A 236 -7.53 -16.52 27.98
CA ASN A 236 -8.33 -16.76 29.17
C ASN A 236 -9.28 -15.61 29.50
N GLY A 237 -9.39 -14.61 28.64
CA GLY A 237 -10.32 -13.51 28.85
C GLY A 237 -10.06 -12.66 30.07
N ASN A 238 -8.83 -12.63 30.58
CA ASN A 238 -8.47 -11.82 31.73
C ASN A 238 -7.48 -10.71 31.39
N ALA A 239 -7.22 -10.47 30.12
CA ALA A 239 -6.32 -9.43 29.66
C ALA A 239 -6.50 -9.32 28.16
N PHE A 240 -5.98 -8.23 27.59
CA PHE A 240 -6.05 -8.04 26.15
C PHE A 240 -4.82 -7.30 25.69
N ALA A 241 -4.64 -7.25 24.37
CA ALA A 241 -3.49 -6.61 23.75
C ALA A 241 -3.99 -5.65 22.68
N THR A 242 -3.28 -4.54 22.55
CA THR A 242 -3.69 -3.43 21.71
C THR A 242 -2.51 -2.98 20.87
N GLY A 243 -2.73 -2.82 19.58
CA GLY A 243 -1.70 -2.33 18.68
C GLY A 243 -2.08 -0.97 18.14
N SER A 244 -1.09 -0.07 18.05
CA SER A 244 -1.34 1.35 17.83
C SER A 244 -0.45 1.91 16.74
N ASP A 245 -0.80 3.11 16.29
CA ASP A 245 0.04 3.90 15.39
C ASP A 245 1.26 4.49 16.07
N ASP A 246 1.38 4.39 17.38
CA ASP A 246 2.60 4.81 18.05
C ASP A 246 3.69 3.76 18.00
N ALA A 247 3.53 2.73 17.15
CA ALA A 247 4.52 1.71 16.87
C ALA A 247 4.75 0.78 18.05
N THR A 248 3.81 0.69 18.98
CA THR A 248 3.93 -0.23 20.10
C THR A 248 2.75 -1.18 20.12
N CYS A 249 2.90 -2.24 20.89
CA CYS A 249 1.78 -3.02 21.38
C CYS A 249 1.76 -2.87 22.89
N ARG A 250 0.58 -2.99 23.49
CA ARG A 250 0.48 -2.93 24.94
C ARG A 250 -0.45 -4.02 25.43
N LEU A 251 -0.08 -4.62 26.55
CA LEU A 251 -0.87 -5.64 27.21
C LEU A 251 -1.44 -5.07 28.49
N PHE A 252 -2.78 -5.18 28.61
CA PHE A 252 -3.59 -4.61 29.68
C PHE A 252 -4.31 -5.73 30.42
N ASP A 253 -4.23 -5.73 31.74
CA ASP A 253 -4.95 -6.68 32.57
C ASP A 253 -6.23 -6.05 33.09
N LEU A 254 -7.30 -6.85 33.13
CA LEU A 254 -8.62 -6.32 33.50
C LEU A 254 -8.80 -6.20 35.00
N ARG A 255 -8.25 -7.12 35.77
CA ARG A 255 -8.45 -7.11 37.22
C ARG A 255 -7.36 -6.35 37.95
N ALA A 256 -6.21 -6.12 37.33
CA ALA A 256 -5.25 -5.18 37.85
C ALA A 256 -5.55 -3.76 37.40
N ASP A 257 -6.23 -3.61 36.26
CA ASP A 257 -6.74 -2.33 35.80
C ASP A 257 -5.63 -1.40 35.33
N GLN A 258 -4.50 -1.96 34.91
CA GLN A 258 -3.35 -1.17 34.52
C GLN A 258 -2.70 -1.81 33.30
N GLU A 259 -1.82 -1.05 32.65
CA GLU A 259 -0.99 -1.61 31.61
C GLU A 259 0.04 -2.54 32.23
N LEU A 260 0.20 -3.70 31.62
CA LEU A 260 1.24 -4.63 32.06
C LEU A 260 2.48 -4.58 31.21
N MET A 261 2.36 -4.40 29.90
CA MET A 261 3.55 -4.57 29.08
C MET A 261 3.50 -3.68 27.84
N THR A 262 4.70 -3.29 27.38
CA THR A 262 4.87 -2.60 26.11
C THR A 262 5.80 -3.40 25.22
N TYR A 263 5.46 -3.49 23.93
CA TYR A 263 6.25 -4.21 22.93
C TYR A 263 6.65 -3.20 21.87
N SER A 264 7.93 -2.82 21.87
CA SER A 264 8.41 -1.79 20.96
C SER A 264 9.93 -1.94 20.79
N HIS A 265 10.42 -1.39 19.69
CA HIS A 265 11.84 -1.36 19.40
C HIS A 265 12.19 -0.02 18.76
N ASP A 266 13.44 0.42 18.97
CA ASP A 266 13.89 1.68 18.38
C ASP A 266 13.82 1.63 16.87
N ASN A 267 14.12 0.47 16.28
CA ASN A 267 14.10 0.35 14.83
C ASN A 267 12.69 0.29 14.27
N ILE A 268 11.71 -0.16 15.06
CA ILE A 268 10.32 -0.17 14.62
C ILE A 268 9.74 1.22 14.83
N ILE A 269 9.36 1.87 13.75
CA ILE A 269 8.80 3.22 13.84
C ILE A 269 7.53 3.32 13.02
N CYS A 270 6.95 2.18 12.64
CA CYS A 270 5.69 2.14 11.90
C CYS A 270 4.59 1.60 12.81
N GLY A 271 3.35 1.76 12.35
CA GLY A 271 2.20 1.38 13.15
C GLY A 271 1.79 -0.08 13.03
N ILE A 272 1.14 -0.57 14.08
CA ILE A 272 0.56 -1.90 14.08
C ILE A 272 -0.81 -1.87 13.41
N THR A 273 -1.12 -2.90 12.65
CA THR A 273 -2.39 -3.01 11.93
C THR A 273 -3.27 -4.12 12.45
N SER A 274 -2.70 -5.16 13.05
CA SER A 274 -3.46 -6.32 13.45
C SER A 274 -2.68 -7.05 14.52
N VAL A 275 -3.41 -7.67 15.44
CA VAL A 275 -2.81 -8.48 16.50
C VAL A 275 -3.63 -9.74 16.67
N SER A 276 -2.99 -10.75 17.25
CA SER A 276 -3.63 -12.02 17.53
C SER A 276 -2.70 -12.81 18.42
N PHE A 277 -3.26 -13.48 19.41
CA PHE A 277 -2.48 -14.37 20.24
C PHE A 277 -2.42 -15.76 19.62
N SER A 278 -1.36 -16.48 19.92
CA SER A 278 -1.32 -17.90 19.65
C SER A 278 -2.31 -18.61 20.58
N LYS A 279 -2.38 -19.93 20.45
CA LYS A 279 -3.39 -20.67 21.21
C LYS A 279 -3.21 -20.51 22.70
N SER A 280 -1.97 -20.54 23.18
CA SER A 280 -1.70 -20.46 24.60
C SER A 280 -1.44 -19.04 25.09
N GLY A 281 -1.35 -18.08 24.18
CA GLY A 281 -1.04 -16.73 24.58
C GLY A 281 0.39 -16.50 25.02
N ARG A 282 1.33 -17.36 24.63
CA ARG A 282 2.74 -17.09 24.87
C ARG A 282 3.38 -16.32 23.74
N LEU A 283 2.79 -16.34 22.55
CA LEU A 283 3.24 -15.55 21.43
C LEU A 283 2.18 -14.53 21.07
N LEU A 284 2.63 -13.33 20.72
CA LEU A 284 1.76 -12.29 20.21
C LEU A 284 2.23 -11.94 18.82
N LEU A 285 1.32 -11.96 17.86
CA LEU A 285 1.65 -11.78 16.46
C LEU A 285 1.07 -10.46 16.00
N ALA A 286 1.92 -9.57 15.54
CA ALA A 286 1.52 -8.24 15.15
C ALA A 286 1.87 -8.01 13.69
N GLY A 287 0.92 -7.50 12.92
CA GLY A 287 1.20 -7.06 11.58
C GLY A 287 1.53 -5.58 11.56
N TYR A 288 2.39 -5.18 10.64
CA TYR A 288 2.94 -3.84 10.63
C TYR A 288 2.81 -3.21 9.26
N ASP A 289 2.91 -1.89 9.25
CA ASP A 289 2.87 -1.14 8.00
C ASP A 289 4.12 -1.33 7.15
N ASP A 290 5.21 -1.84 7.72
CA ASP A 290 6.45 -2.08 6.98
C ASP A 290 6.49 -3.46 6.33
N PHE A 291 5.33 -4.06 6.08
CA PHE A 291 5.15 -5.26 5.26
C PHE A 291 5.54 -6.54 5.98
N ASN A 292 5.90 -6.48 7.25
CA ASN A 292 6.28 -7.66 8.00
C ASN A 292 5.23 -8.00 9.06
N CYS A 293 5.42 -9.16 9.68
CA CYS A 293 4.77 -9.48 10.93
C CYS A 293 5.84 -9.79 11.96
N ASN A 294 5.69 -9.25 13.15
CA ASN A 294 6.60 -9.56 14.24
C ASN A 294 5.93 -10.55 15.19
N VAL A 295 6.77 -11.39 15.78
CA VAL A 295 6.35 -12.41 16.73
C VAL A 295 7.05 -12.07 18.03
N TRP A 296 6.27 -11.56 18.99
CA TRP A 296 6.74 -11.15 20.29
C TRP A 296 6.51 -12.24 21.31
N ASP A 297 7.50 -12.44 22.18
CA ASP A 297 7.32 -13.23 23.38
C ASP A 297 6.51 -12.38 24.36
N ALA A 298 5.22 -12.68 24.48
CA ALA A 298 4.30 -11.80 25.18
C ALA A 298 4.51 -11.78 26.68
N LEU A 299 5.40 -12.61 27.22
CA LEU A 299 5.74 -12.58 28.63
C LEU A 299 7.05 -11.87 28.91
N LYS A 300 7.88 -11.68 27.90
CA LYS A 300 9.19 -11.08 28.07
C LYS A 300 9.40 -9.83 27.23
N ALA A 301 8.52 -9.56 26.27
CA ALA A 301 8.58 -8.35 25.46
C ALA A 301 9.77 -8.35 24.52
N ASP A 302 10.39 -9.50 24.32
CA ASP A 302 11.49 -9.64 23.39
C ASP A 302 10.98 -10.22 22.08
N ARG A 303 11.43 -9.63 20.98
CA ARG A 303 10.98 -10.07 19.67
C ARG A 303 11.60 -11.43 19.35
N ALA A 304 10.76 -12.38 18.96
CA ALA A 304 11.17 -13.75 18.76
C ALA A 304 11.09 -14.21 17.31
N GLY A 305 10.45 -13.46 16.43
CA GLY A 305 10.44 -13.90 15.06
C GLY A 305 9.88 -12.88 14.10
N VAL A 306 10.06 -13.16 12.82
CA VAL A 306 9.54 -12.33 11.75
C VAL A 306 8.80 -13.23 10.77
N LEU A 307 7.83 -12.64 10.06
CA LEU A 307 7.19 -13.22 8.89
C LEU A 307 7.32 -12.18 7.79
N ALA A 308 8.20 -12.45 6.83
CA ALA A 308 8.49 -11.54 5.73
C ALA A 308 8.18 -12.26 4.43
N GLY A 309 6.95 -12.10 3.96
CA GLY A 309 6.52 -12.74 2.74
C GLY A 309 5.53 -11.91 1.97
N HIS A 310 5.44 -10.63 2.30
CA HIS A 310 4.48 -9.75 1.67
C HIS A 310 5.21 -8.54 1.12
N ASP A 311 4.68 -8.01 0.03
CA ASP A 311 5.26 -6.86 -0.64
C ASP A 311 4.50 -5.58 -0.35
N ASN A 312 3.53 -5.62 0.54
CA ASN A 312 2.73 -4.45 0.87
C ASN A 312 2.27 -4.60 2.30
N ARG A 313 1.45 -3.64 2.73
CA ARG A 313 0.94 -3.59 4.09
C ARG A 313 0.25 -4.88 4.50
N VAL A 314 0.64 -5.43 5.65
CA VAL A 314 -0.08 -6.53 6.26
C VAL A 314 -1.34 -5.98 6.93
N SER A 315 -2.50 -6.32 6.37
CA SER A 315 -3.76 -5.76 6.87
C SER A 315 -4.36 -6.58 8.01
N CYS A 316 -4.23 -7.90 7.99
CA CYS A 316 -4.99 -8.75 8.89
C CYS A 316 -4.19 -10.00 9.22
N LEU A 317 -4.43 -10.51 10.43
CA LEU A 317 -3.86 -11.75 10.91
C LEU A 317 -4.97 -12.59 11.51
N GLY A 318 -4.77 -13.89 11.52
CA GLY A 318 -5.68 -14.78 12.23
C GLY A 318 -5.00 -16.06 12.64
N VAL A 319 -5.26 -16.50 13.84
CA VAL A 319 -4.81 -17.81 14.32
C VAL A 319 -6.02 -18.73 14.40
N THR A 320 -5.82 -19.98 14.00
CA THR A 320 -6.90 -20.95 13.99
C THR A 320 -7.28 -21.35 15.40
N ASP A 321 -8.54 -21.77 15.57
CA ASP A 321 -9.00 -22.20 16.90
C ASP A 321 -8.12 -23.31 17.44
N ASP A 322 -7.69 -24.23 16.58
CA ASP A 322 -6.85 -25.33 17.03
C ASP A 322 -5.38 -24.99 17.07
N GLY A 323 -4.98 -23.81 16.59
CA GLY A 323 -3.63 -23.34 16.76
C GLY A 323 -2.61 -23.89 15.79
N MET A 324 -3.05 -24.46 14.67
CA MET A 324 -2.12 -25.08 13.73
C MET A 324 -1.55 -24.10 12.72
N ALA A 325 -2.25 -23.01 12.39
CA ALA A 325 -1.83 -22.18 11.29
C ALA A 325 -2.12 -20.70 11.57
N VAL A 326 -1.27 -19.84 11.04
CA VAL A 326 -1.50 -18.40 11.01
C VAL A 326 -1.86 -18.01 9.59
N ALA A 327 -2.82 -17.10 9.44
CA ALA A 327 -3.11 -16.50 8.16
C ALA A 327 -2.69 -15.04 8.18
N THR A 328 -2.03 -14.60 7.13
CA THR A 328 -1.74 -13.19 6.91
C THR A 328 -2.43 -12.75 5.65
N GLY A 329 -3.10 -11.61 5.73
CA GLY A 329 -3.63 -10.97 4.54
C GLY A 329 -2.87 -9.69 4.31
N SER A 330 -2.87 -9.19 3.08
CA SER A 330 -1.99 -8.08 2.76
C SER A 330 -2.59 -7.22 1.67
N TRP A 331 -2.05 -6.02 1.56
CA TRP A 331 -2.40 -5.11 0.48
C TRP A 331 -1.83 -5.57 -0.86
N ASP A 332 -0.92 -6.55 -0.87
CA ASP A 332 -0.47 -7.16 -2.11
C ASP A 332 -1.47 -8.17 -2.67
N SER A 333 -2.62 -8.35 -2.01
CA SER A 333 -3.74 -9.16 -2.48
C SER A 333 -3.40 -10.66 -2.48
N PHE A 334 -2.72 -11.10 -1.43
CA PHE A 334 -2.48 -12.51 -1.21
C PHE A 334 -2.77 -12.83 0.23
N LEU A 335 -3.18 -14.06 0.47
CA LEU A 335 -3.20 -14.62 1.80
C LEU A 335 -2.08 -15.63 1.87
N LYS A 336 -1.38 -15.66 2.99
CA LYS A 336 -0.38 -16.67 3.21
C LYS A 336 -0.74 -17.41 4.48
N ILE A 337 -0.57 -18.72 4.44
CA ILE A 337 -0.71 -19.56 5.61
C ILE A 337 0.70 -19.89 6.08
N TRP A 338 0.93 -19.75 7.37
CA TRP A 338 2.24 -19.90 7.96
C TRP A 338 2.17 -20.97 9.04
N ASN A 339 3.21 -21.81 9.06
CA ASN A 339 3.37 -22.82 10.10
C ASN A 339 4.77 -22.74 10.65
N ALA B 1 -3.20 5.21 35.36
CA ALA B 1 -2.76 4.98 33.96
C ALA B 1 -2.50 6.32 33.28
N ALA B 2 -1.38 6.40 32.55
CA ALA B 2 -1.01 7.64 31.91
C ALA B 2 -1.97 7.98 30.78
N GLN B 3 -2.16 9.28 30.55
CA GLN B 3 -3.07 9.78 29.54
C GLN B 3 -2.35 10.83 28.71
N VAL B 4 -2.95 11.20 27.59
CA VAL B 4 -2.41 12.23 26.72
C VAL B 4 -2.98 13.57 27.17
N GLN B 5 -2.16 14.41 27.78
CA GLN B 5 -2.59 15.67 28.35
C GLN B 5 -1.90 16.83 27.65
N LEU B 6 -2.69 17.84 27.27
CA LEU B 6 -2.21 19.10 26.72
C LEU B 6 -2.85 20.24 27.50
N GLN B 7 -2.12 20.82 28.45
CA GLN B 7 -2.67 21.86 29.33
C GLN B 7 -2.14 23.21 28.88
N GLU B 8 -3.04 24.08 28.42
CA GLU B 8 -2.69 25.43 28.02
C GLU B 8 -2.69 26.38 29.23
N SER B 9 -2.00 27.50 29.07
CA SER B 9 -2.00 28.55 30.07
C SER B 9 -1.43 29.82 29.45
N GLY B 10 -1.65 30.93 30.15
CA GLY B 10 -1.11 32.22 29.76
C GLY B 10 -2.12 33.20 29.23
N GLY B 11 -3.29 32.73 28.81
CA GLY B 11 -4.31 33.61 28.29
C GLY B 11 -4.77 34.63 29.32
N GLY B 12 -5.47 35.63 28.83
CA GLY B 12 -5.97 36.68 29.69
C GLY B 12 -6.60 37.79 28.89
N LEU B 13 -6.69 38.96 29.51
CA LEU B 13 -7.30 40.14 28.91
C LEU B 13 -6.23 41.21 28.73
N VAL B 14 -6.15 41.76 27.52
CA VAL B 14 -5.10 42.71 27.18
C VAL B 14 -5.72 43.81 26.33
N GLN B 15 -4.95 44.79 26.07
CA GLN B 15 -5.35 45.88 25.22
C GLN B 15 -4.95 45.60 23.77
N PRO B 16 -5.65 46.16 22.79
CA PRO B 16 -5.19 46.05 21.41
C PRO B 16 -3.78 46.60 21.27
N GLY B 17 -2.89 45.76 20.74
CA GLY B 17 -1.50 46.12 20.55
C GLY B 17 -0.55 45.48 21.53
N GLY B 18 -1.05 44.83 22.58
CA GLY B 18 -0.21 44.30 23.64
C GLY B 18 0.31 42.90 23.32
N SER B 19 1.03 42.35 24.28
CA SER B 19 1.74 41.09 24.11
C SER B 19 1.26 40.05 25.11
N LEU B 20 1.25 38.80 24.66
CA LEU B 20 0.95 37.67 25.53
C LEU B 20 1.86 36.52 25.14
N ARG B 21 2.11 35.63 26.09
CA ARG B 21 2.88 34.42 25.84
C ARG B 21 2.08 33.24 26.31
N LEU B 22 1.59 32.45 25.37
CA LEU B 22 0.82 31.25 25.67
C LEU B 22 1.76 30.07 25.81
N SER B 23 1.53 29.27 26.83
CA SER B 23 2.31 28.07 27.10
C SER B 23 1.40 26.87 27.03
N CYS B 24 1.97 25.73 26.67
CA CYS B 24 1.24 24.46 26.67
C CYS B 24 2.17 23.38 27.16
N ALA B 25 1.81 22.80 28.30
CA ALA B 25 2.57 21.71 28.89
C ALA B 25 1.97 20.39 28.42
N ALA B 26 2.83 19.51 27.94
CA ALA B 26 2.40 18.23 27.39
C ALA B 26 2.84 17.11 28.32
N SER B 27 2.02 16.07 28.38
CA SER B 27 2.35 14.88 29.15
C SER B 27 1.71 13.67 28.48
N GLY B 28 2.32 12.52 28.70
CA GLY B 28 1.76 11.27 28.26
C GLY B 28 2.38 10.69 27.01
N PHE B 29 3.11 11.48 26.25
CA PHE B 29 3.75 11.02 25.03
C PHE B 29 5.15 11.61 24.95
N THR B 30 5.91 11.16 23.94
CA THR B 30 7.25 11.67 23.70
C THR B 30 7.14 12.91 22.84
N PHE B 31 7.44 14.06 23.43
CA PHE B 31 7.16 15.33 22.80
C PHE B 31 7.92 15.48 21.48
N SER B 32 9.17 15.06 21.44
CA SER B 32 10.03 15.33 20.30
C SER B 32 9.59 14.60 19.03
N ASN B 33 8.80 13.54 19.13
CA ASN B 33 8.43 12.76 17.96
C ASN B 33 7.25 13.34 17.19
N TYR B 34 6.64 14.42 17.67
CA TYR B 34 5.35 14.86 17.17
C TYR B 34 5.42 16.28 16.65
N LYS B 35 4.80 16.50 15.50
CA LYS B 35 4.51 17.84 15.04
C LYS B 35 3.43 18.46 15.92
N MET B 36 3.58 19.75 16.23
CA MET B 36 2.64 20.44 17.12
C MET B 36 1.97 21.60 16.41
N ASN B 37 0.75 21.93 16.87
CA ASN B 37 -0.05 22.99 16.26
C ASN B 37 -0.70 23.86 17.34
N TRP B 38 -1.00 25.10 16.95
CA TRP B 38 -1.95 25.96 17.64
C TRP B 38 -3.16 26.15 16.75
N VAL B 39 -4.35 25.96 17.35
CA VAL B 39 -5.64 26.09 16.70
C VAL B 39 -6.47 27.01 17.58
N ARG B 40 -7.46 27.68 17.02
CA ARG B 40 -8.30 28.56 17.83
C ARG B 40 -9.74 28.56 17.35
N GLN B 41 -10.61 28.94 18.27
CA GLN B 41 -12.04 29.05 18.02
C GLN B 41 -12.52 30.39 18.54
N ALA B 42 -13.13 31.18 17.67
CA ALA B 42 -13.62 32.50 18.00
C ALA B 42 -15.10 32.44 18.33
N PRO B 43 -15.66 33.51 18.88
CA PRO B 43 -17.10 33.51 19.18
C PRO B 43 -17.93 33.27 17.92
N GLY B 44 -18.69 32.19 17.93
CA GLY B 44 -19.51 31.84 16.79
C GLY B 44 -18.69 31.56 15.55
N LYS B 45 -17.90 30.50 15.59
CA LYS B 45 -17.04 30.14 14.47
C LYS B 45 -16.57 28.71 14.67
N GLY B 46 -16.00 28.15 13.62
CA GLY B 46 -15.38 26.85 13.69
C GLY B 46 -13.98 26.92 14.24
N LEU B 47 -13.32 25.78 14.22
CA LEU B 47 -11.93 25.70 14.63
C LEU B 47 -11.03 26.07 13.47
N GLU B 48 -10.08 26.98 13.72
CA GLU B 48 -9.18 27.49 12.70
C GLU B 48 -7.75 27.17 13.08
N TRP B 49 -7.03 26.51 12.19
CA TRP B 49 -5.60 26.27 12.39
C TRP B 49 -4.86 27.59 12.42
N VAL B 50 -3.91 27.73 13.34
CA VAL B 50 -3.18 28.98 13.49
C VAL B 50 -1.70 28.79 13.15
N SER B 51 -1.11 27.68 13.58
CA SER B 51 0.33 27.59 13.39
C SER B 51 0.79 26.17 13.66
N ASP B 52 1.94 25.82 13.09
CA ASP B 52 2.53 24.53 13.45
C ASP B 52 4.04 24.57 13.35
N ILE B 53 4.66 23.74 14.18
CA ILE B 53 6.10 23.56 14.26
C ILE B 53 6.40 22.07 14.20
N SER B 54 7.49 21.72 13.53
CA SER B 54 7.88 20.34 13.33
C SER B 54 8.69 19.82 14.51
N GLN B 55 8.98 18.53 14.48
CA GLN B 55 9.63 17.85 15.59
C GLN B 55 10.86 18.59 16.10
N SER B 56 11.75 18.96 15.19
CA SER B 56 13.02 19.55 15.59
C SER B 56 12.89 21.03 15.89
N GLY B 57 12.04 21.74 15.14
CA GLY B 57 11.93 23.18 15.24
C GLY B 57 12.36 23.90 13.98
N ALA B 58 12.72 23.16 12.93
CA ALA B 58 13.18 23.78 11.70
C ALA B 58 12.02 24.34 10.89
N SER B 59 11.07 23.49 10.56
CA SER B 59 9.94 23.90 9.74
C SER B 59 8.88 24.58 10.61
N ILE B 60 8.40 25.71 10.13
CA ILE B 60 7.37 26.50 10.80
C ILE B 60 6.36 26.91 9.75
N SER B 61 5.10 26.97 10.13
CA SER B 61 4.07 27.46 9.22
C SER B 61 3.05 28.27 10.01
N TYR B 62 2.48 29.26 9.33
CA TYR B 62 1.56 30.21 9.91
C TYR B 62 0.38 30.42 8.99
N THR B 63 -0.78 30.67 9.57
CA THR B 63 -1.90 31.22 8.82
C THR B 63 -1.64 32.71 8.61
N GLY B 64 -1.94 33.18 7.40
CA GLY B 64 -1.49 34.51 7.00
C GLY B 64 -1.82 35.60 8.00
N SER B 65 -3.02 35.55 8.57
CA SER B 65 -3.49 36.65 9.42
C SER B 65 -2.48 37.03 10.49
N VAL B 66 -1.66 36.08 10.94
CA VAL B 66 -0.78 36.31 12.07
C VAL B 66 0.69 36.44 11.68
N LYS B 67 1.08 35.98 10.50
CA LYS B 67 2.46 36.04 10.05
C LYS B 67 3.04 37.43 10.27
N GLY B 68 4.14 37.49 11.02
CA GLY B 68 4.75 38.73 11.40
C GLY B 68 4.49 39.12 12.83
N ARG B 69 3.41 38.62 13.43
CA ARG B 69 3.01 38.95 14.79
C ARG B 69 3.15 37.80 15.76
N PHE B 70 2.91 36.57 15.33
CA PHE B 70 2.94 35.41 16.20
C PHE B 70 4.21 34.61 15.95
N THR B 71 4.82 34.14 17.03
CA THR B 71 6.04 33.33 16.94
C THR B 71 5.84 32.05 17.74
N ILE B 72 5.94 30.92 17.08
CA ILE B 72 5.80 29.61 17.71
C ILE B 72 7.17 29.11 18.08
N SER B 73 7.26 28.46 19.24
CA SER B 73 8.51 27.84 19.62
C SER B 73 8.22 26.59 20.42
N ARG B 74 9.22 25.73 20.48
CA ARG B 74 9.14 24.43 21.13
C ARG B 74 10.35 24.30 22.02
N ASP B 75 10.15 23.83 23.25
CA ASP B 75 11.27 23.55 24.15
C ASP B 75 11.23 22.05 24.44
N ASN B 76 11.85 21.27 23.55
CA ASN B 76 11.77 19.83 23.65
C ASN B 76 12.30 19.31 24.96
N ALA B 77 13.17 20.07 25.63
CA ALA B 77 13.72 19.61 26.91
C ALA B 77 12.66 19.65 28.00
N LYS B 78 11.81 20.66 27.99
CA LYS B 78 10.80 20.84 29.03
C LYS B 78 9.41 20.45 28.59
N ASN B 79 9.24 19.92 27.37
CA ASN B 79 7.95 19.41 26.91
C ASN B 79 6.92 20.54 26.81
N THR B 80 7.33 21.65 26.23
CA THR B 80 6.52 22.85 26.24
C THR B 80 6.41 23.41 24.84
N LEU B 81 5.24 23.95 24.54
CA LEU B 81 5.01 24.70 23.32
C LEU B 81 4.68 26.13 23.71
N TYR B 82 5.18 27.09 22.94
CA TYR B 82 4.97 28.50 23.22
C TYR B 82 4.42 29.20 21.99
N LEU B 83 3.54 30.16 22.24
CA LEU B 83 3.10 31.10 21.21
C LEU B 83 3.28 32.51 21.76
N GLN B 84 4.19 33.26 21.17
CA GLN B 84 4.37 34.67 21.49
C GLN B 84 3.46 35.48 20.58
N MET B 85 2.56 36.25 21.17
CA MET B 85 1.60 37.05 20.46
C MET B 85 1.96 38.52 20.66
N ASN B 86 2.16 39.23 19.56
CA ASN B 86 2.60 40.61 19.54
C ASN B 86 1.61 41.46 18.77
N SER B 87 1.44 42.72 19.21
CA SER B 87 0.58 43.67 18.52
C SER B 87 -0.79 43.06 18.23
N LEU B 88 -1.46 42.62 19.29
CA LEU B 88 -2.71 41.91 19.16
C LEU B 88 -3.84 42.83 18.69
N LYS B 89 -4.68 42.31 17.79
CA LYS B 89 -5.85 43.02 17.29
C LYS B 89 -7.11 42.43 17.89
N PRO B 90 -8.20 43.21 17.96
CA PRO B 90 -9.45 42.68 18.54
C PRO B 90 -10.03 41.49 17.78
N GLU B 91 -9.51 41.15 16.60
CA GLU B 91 -9.95 39.96 15.89
C GLU B 91 -9.12 38.73 16.26
N ASP B 92 -8.41 38.77 17.38
CA ASP B 92 -7.73 37.61 17.92
C ASP B 92 -8.42 37.06 19.15
N THR B 93 -9.44 37.74 19.68
CA THR B 93 -10.19 37.24 20.81
C THR B 93 -10.73 35.86 20.50
N ALA B 94 -10.29 34.86 21.26
CA ALA B 94 -10.70 33.50 20.95
C ALA B 94 -10.32 32.59 22.12
N VAL B 95 -10.54 31.30 21.93
CA VAL B 95 -9.95 30.27 22.78
C VAL B 95 -8.89 29.57 21.95
N TYR B 96 -7.72 29.36 22.56
CA TYR B 96 -6.56 28.80 21.87
C TYR B 96 -6.24 27.43 22.43
N TYR B 97 -6.02 26.47 21.54
CA TYR B 97 -5.76 25.08 21.87
C TYR B 97 -4.43 24.67 21.26
N CYS B 98 -3.64 23.89 22.01
CA CYS B 98 -2.51 23.18 21.44
C CYS B 98 -2.99 21.82 20.97
N ALA B 99 -2.74 21.50 19.71
CA ALA B 99 -3.17 20.25 19.11
C ALA B 99 -1.95 19.47 18.64
N ARG B 100 -1.81 18.25 19.12
CA ARG B 100 -0.79 17.35 18.62
C ARG B 100 -1.27 16.68 17.34
N CYS B 101 -0.34 16.40 16.44
CA CYS B 101 -0.69 15.62 15.26
C CYS B 101 -0.96 14.17 15.65
N PRO B 102 -1.83 13.47 14.92
CA PRO B 102 -2.26 12.13 15.38
C PRO B 102 -1.15 11.11 15.53
N ALA B 103 -0.33 10.92 14.50
CA ALA B 103 0.68 9.87 14.51
C ALA B 103 2.08 10.45 14.54
N PRO B 104 3.03 9.77 15.18
CA PRO B 104 4.40 10.30 15.23
C PRO B 104 5.15 10.08 13.92
N PHE B 105 6.33 10.70 13.85
CA PHE B 105 7.29 10.48 12.77
C PHE B 105 6.68 10.66 11.39
N THR B 106 5.65 11.48 11.30
CA THR B 106 4.87 11.60 10.09
C THR B 106 4.95 13.03 9.59
N ARG B 107 4.55 13.23 8.34
CA ARG B 107 4.52 14.55 7.74
C ARG B 107 3.12 15.09 7.56
N ASP B 108 2.15 14.24 7.24
CA ASP B 108 0.77 14.66 7.20
C ASP B 108 0.22 14.83 8.61
N CYS B 109 -0.74 15.75 8.75
CA CYS B 109 -1.36 16.03 10.05
C CYS B 109 -2.88 16.12 9.83
N PHE B 110 -3.57 15.00 9.93
CA PHE B 110 -5.00 14.94 9.72
C PHE B 110 -5.78 15.31 10.98
N ASP B 111 -6.94 15.93 10.77
CA ASP B 111 -8.04 15.95 11.73
C ASP B 111 -7.77 16.81 12.98
N VAL B 112 -6.77 17.70 12.98
CA VAL B 112 -6.51 18.45 14.21
C VAL B 112 -7.48 19.59 14.43
N THR B 113 -8.30 19.91 13.43
CA THR B 113 -9.32 20.94 13.54
C THR B 113 -10.73 20.38 13.67
N SER B 114 -10.89 19.06 13.73
CA SER B 114 -12.22 18.49 13.73
C SER B 114 -12.91 18.73 15.07
N THR B 115 -14.23 18.72 15.05
CA THR B 115 -15.01 19.11 16.23
C THR B 115 -14.66 18.29 17.46
N THR B 116 -14.27 17.03 17.31
CA THR B 116 -14.12 16.14 18.45
C THR B 116 -12.78 15.43 18.46
N TYR B 117 -11.76 16.06 17.87
CA TYR B 117 -10.41 15.51 17.88
C TYR B 117 -9.94 15.26 19.31
N ALA B 118 -9.21 14.16 19.50
CA ALA B 118 -8.90 13.67 20.84
C ALA B 118 -7.61 14.22 21.43
N TYR B 119 -6.61 14.54 20.62
CA TYR B 119 -5.31 14.95 21.13
C TYR B 119 -5.16 16.47 21.23
N ARG B 120 -6.23 17.15 21.65
CA ARG B 120 -6.27 18.59 21.84
C ARG B 120 -6.45 18.89 23.32
N GLY B 121 -6.07 20.10 23.72
CA GLY B 121 -6.26 20.54 25.08
C GLY B 121 -7.62 21.22 25.26
N GLN B 122 -7.86 21.69 26.48
CA GLN B 122 -9.13 22.35 26.79
C GLN B 122 -9.18 23.77 26.25
N GLY B 123 -8.11 24.51 26.36
CA GLY B 123 -8.01 25.83 25.76
C GLY B 123 -7.68 26.90 26.78
N THR B 124 -7.36 28.07 26.25
CA THR B 124 -7.16 29.25 27.08
C THR B 124 -7.76 30.45 26.37
N GLN B 125 -8.49 31.28 27.11
CA GLN B 125 -9.24 32.40 26.53
C GLN B 125 -8.37 33.64 26.47
N VAL B 126 -8.29 34.23 25.29
CA VAL B 126 -7.62 35.50 25.07
C VAL B 126 -8.68 36.51 24.66
N THR B 127 -8.67 37.68 25.30
CA THR B 127 -9.69 38.69 25.06
C THR B 127 -9.01 40.05 24.89
N VAL B 128 -9.03 40.57 23.68
CA VAL B 128 -8.36 41.81 23.33
C VAL B 128 -9.41 42.91 23.23
N SER B 129 -9.37 43.85 24.16
CA SER B 129 -10.39 44.91 24.20
C SER B 129 -10.04 45.96 25.25
N SER B 130 -10.90 46.96 25.38
CA SER B 130 -10.74 47.99 26.41
C SER B 130 -12.02 48.17 27.20
N GLU C 19 -17.35 -33.82 -2.02
CA GLU C 19 -16.34 -34.85 -2.26
C GLU C 19 -15.20 -34.27 -3.10
N GLU C 20 -14.07 -34.99 -3.14
CA GLU C 20 -12.84 -34.45 -3.71
C GLU C 20 -12.90 -34.24 -5.21
N LYS C 21 -13.94 -34.74 -5.88
CA LYS C 21 -14.15 -34.49 -7.30
C LYS C 21 -15.04 -33.27 -7.50
N GLY C 22 -16.22 -33.29 -6.88
CA GLY C 22 -17.06 -32.11 -6.88
C GLY C 22 -16.33 -30.87 -6.39
N GLN C 23 -15.34 -31.05 -5.52
CA GLN C 23 -14.58 -29.91 -5.04
C GLN C 23 -13.74 -29.29 -6.15
N ARG C 24 -13.04 -30.13 -6.91
CA ARG C 24 -12.27 -29.63 -8.04
C ARG C 24 -13.17 -29.04 -9.11
N GLU C 25 -14.35 -29.62 -9.30
CA GLU C 25 -15.30 -29.05 -10.26
C GLU C 25 -15.74 -27.66 -9.84
N ALA C 26 -16.27 -27.53 -8.63
CA ALA C 26 -16.68 -26.24 -8.12
C ALA C 26 -15.54 -25.23 -8.17
N ASN C 27 -14.31 -25.67 -7.92
CA ASN C 27 -13.17 -24.77 -8.03
C ASN C 27 -12.97 -24.29 -9.46
N LYS C 28 -12.99 -25.20 -10.42
CA LYS C 28 -12.87 -24.81 -11.82
C LYS C 28 -13.94 -23.80 -12.21
N LYS C 29 -15.17 -24.04 -11.78
CA LYS C 29 -16.28 -23.13 -12.07
C LYS C 29 -16.02 -21.76 -11.48
N ILE C 30 -15.64 -21.72 -10.20
CA ILE C 30 -15.37 -20.44 -9.56
C ILE C 30 -14.26 -19.70 -10.28
N GLU C 31 -13.25 -20.42 -10.77
CA GLU C 31 -12.13 -19.72 -11.38
C GLU C 31 -12.45 -19.27 -12.80
N LYS C 32 -13.35 -19.95 -13.51
CA LYS C 32 -13.95 -19.37 -14.71
C LYS C 32 -14.59 -18.02 -14.40
N GLN C 33 -15.50 -18.03 -13.43
CA GLN C 33 -16.18 -16.79 -13.05
C GLN C 33 -15.17 -15.71 -12.65
N LEU C 34 -14.11 -16.11 -11.93
CA LEU C 34 -13.11 -15.14 -11.49
C LEU C 34 -12.32 -14.57 -12.65
N GLN C 35 -12.05 -15.37 -13.69
CA GLN C 35 -11.39 -14.83 -14.86
C GLN C 35 -12.25 -13.78 -15.54
N LYS C 36 -13.54 -14.06 -15.67
CA LYS C 36 -14.46 -13.04 -16.19
C LYS C 36 -14.42 -11.78 -15.33
N ASP C 37 -14.53 -11.96 -14.01
CA ASP C 37 -14.52 -10.82 -13.10
C ASP C 37 -13.25 -9.99 -13.24
N LYS C 38 -12.11 -10.66 -13.42
CA LYS C 38 -10.85 -9.94 -13.56
C LYS C 38 -10.85 -9.11 -14.84
N GLN C 39 -11.26 -9.71 -15.95
CA GLN C 39 -11.42 -8.95 -17.18
C GLN C 39 -12.20 -7.67 -16.91
N VAL C 40 -13.33 -7.79 -16.21
CA VAL C 40 -14.15 -6.61 -15.93
C VAL C 40 -13.41 -5.63 -15.02
N TYR C 41 -12.82 -6.12 -13.95
CA TYR C 41 -12.25 -5.25 -12.92
C TYR C 41 -11.11 -4.41 -13.47
N ARG C 42 -10.21 -5.01 -14.25
CA ARG C 42 -9.07 -4.25 -14.70
C ARG C 42 -9.41 -3.29 -15.82
N ALA C 43 -10.62 -3.32 -16.35
CA ALA C 43 -11.06 -2.41 -17.40
C ALA C 43 -11.91 -1.27 -16.87
N THR C 44 -12.03 -1.11 -15.56
CA THR C 44 -12.77 -0.02 -14.95
C THR C 44 -11.82 0.80 -14.10
N HIS C 45 -12.08 2.11 -14.03
CA HIS C 45 -11.21 3.03 -13.30
C HIS C 45 -11.98 3.63 -12.13
N ARG C 46 -11.38 3.56 -10.95
CA ARG C 46 -12.00 4.00 -9.71
C ARG C 46 -11.47 5.36 -9.29
N LEU C 47 -12.38 6.25 -8.88
CA LEU C 47 -12.08 7.63 -8.55
C LEU C 47 -12.64 7.98 -7.17
N LEU C 48 -11.88 8.75 -6.39
CA LEU C 48 -12.38 9.23 -5.10
C LEU C 48 -12.77 10.69 -5.21
N LEU C 49 -14.03 11.00 -4.97
CA LEU C 49 -14.52 12.38 -4.97
C LEU C 49 -14.48 12.93 -3.56
N LEU C 50 -13.93 14.13 -3.40
CA LEU C 50 -13.61 14.63 -2.08
C LEU C 50 -13.72 16.15 -2.07
N GLY C 51 -14.51 16.66 -1.14
CA GLY C 51 -14.67 18.10 -0.96
C GLY C 51 -16.10 18.54 -1.05
N SER C 195 -25.91 4.11 2.48
CA SER C 195 -25.93 5.54 2.77
C SER C 195 -24.55 6.02 3.22
N GLY C 196 -23.62 5.09 3.38
CA GLY C 196 -22.28 5.45 3.78
C GLY C 196 -21.43 5.96 2.64
N ILE C 197 -21.72 5.53 1.41
CA ILE C 197 -20.93 5.92 0.25
C ILE C 197 -21.85 5.97 -0.96
N PHE C 198 -21.85 7.09 -1.66
CA PHE C 198 -22.58 7.21 -2.92
C PHE C 198 -21.68 6.79 -4.07
N GLU C 199 -22.28 6.21 -5.10
CA GLU C 199 -21.53 5.63 -6.20
C GLU C 199 -22.12 6.09 -7.51
N THR C 200 -21.27 6.60 -8.39
CA THR C 200 -21.66 7.11 -9.70
C THR C 200 -20.86 6.34 -10.75
N LYS C 201 -21.50 6.02 -11.85
CA LYS C 201 -20.83 5.36 -12.96
C LYS C 201 -21.00 6.19 -14.21
N PHE C 202 -19.95 6.28 -15.02
CA PHE C 202 -20.11 6.88 -16.33
C PHE C 202 -19.11 6.24 -17.29
N GLN C 203 -19.27 6.57 -18.57
CA GLN C 203 -18.47 5.98 -19.63
C GLN C 203 -18.03 7.08 -20.58
N VAL C 204 -16.73 7.14 -20.87
CA VAL C 204 -16.19 8.07 -21.86
C VAL C 204 -15.37 7.24 -22.84
N ASP C 205 -15.71 7.33 -24.12
CA ASP C 205 -15.01 6.62 -25.17
C ASP C 205 -14.89 5.12 -24.85
N LYS C 206 -15.99 4.55 -24.35
CA LYS C 206 -16.09 3.13 -24.03
C LYS C 206 -15.14 2.71 -22.91
N VAL C 207 -14.63 3.67 -22.14
CA VAL C 207 -13.89 3.39 -20.91
C VAL C 207 -14.79 3.71 -19.74
N ASN C 208 -14.88 2.78 -18.79
CA ASN C 208 -15.86 2.85 -17.70
C ASN C 208 -15.20 3.39 -16.44
N PHE C 209 -15.88 4.32 -15.78
CA PHE C 209 -15.41 4.95 -14.56
C PHE C 209 -16.44 4.79 -13.46
N HIS C 210 -15.93 4.61 -12.24
CA HIS C 210 -16.72 4.46 -11.03
C HIS C 210 -16.22 5.49 -10.02
N MET C 211 -16.95 6.59 -9.86
CA MET C 211 -16.58 7.65 -8.93
C MET C 211 -17.37 7.49 -7.64
N PHE C 212 -16.67 7.58 -6.51
CA PHE C 212 -17.28 7.32 -5.21
C PHE C 212 -17.21 8.58 -4.35
N ASP C 213 -18.37 8.99 -3.83
CA ASP C 213 -18.54 10.17 -3.01
C ASP C 213 -18.75 9.72 -1.57
N VAL C 214 -17.77 9.94 -0.71
CA VAL C 214 -17.88 9.50 0.66
C VAL C 214 -18.52 10.61 1.50
N GLY C 215 -19.82 10.74 1.39
CA GLY C 215 -20.61 11.36 2.41
C GLY C 215 -21.22 10.29 3.27
N GLY C 216 -21.65 10.65 4.46
CA GLY C 216 -22.09 9.66 5.40
C GLY C 216 -21.01 9.17 6.34
N GLN C 217 -19.86 9.82 6.35
CA GLN C 217 -18.84 9.62 7.36
C GLN C 217 -18.76 10.85 8.26
N ARG C 218 -17.83 10.82 9.22
CA ARG C 218 -17.90 11.64 10.41
C ARG C 218 -16.82 12.72 10.49
N ASP C 219 -16.15 13.01 9.38
CA ASP C 219 -15.25 14.17 9.27
C ASP C 219 -13.96 14.02 10.07
N GLU C 220 -13.64 12.84 10.56
CA GLU C 220 -12.28 12.48 10.90
C GLU C 220 -11.87 11.44 9.87
N ARG C 221 -11.02 11.84 8.93
CA ARG C 221 -10.80 11.09 7.71
C ARG C 221 -9.59 10.18 7.76
N ARG C 222 -8.76 10.28 8.80
CA ARG C 222 -7.44 9.66 8.73
C ARG C 222 -7.49 8.15 8.64
N LYS C 223 -8.60 7.51 9.00
CA LYS C 223 -8.66 6.06 8.90
C LYS C 223 -9.30 5.59 7.60
N TRP C 224 -10.44 6.14 7.20
CA TRP C 224 -11.13 5.62 6.03
C TRP C 224 -10.54 6.08 4.72
N ILE C 225 -9.82 7.20 4.69
CA ILE C 225 -9.19 7.65 3.46
C ILE C 225 -8.21 6.61 2.94
N GLN C 226 -7.65 5.79 3.85
CA GLN C 226 -6.71 4.76 3.45
C GLN C 226 -7.34 3.72 2.54
N CYS C 227 -8.67 3.64 2.49
CA CYS C 227 -9.29 2.71 1.56
C CYS C 227 -8.98 3.04 0.12
N PHE C 228 -8.47 4.24 -0.16
CA PHE C 228 -8.37 4.70 -1.53
C PHE C 228 -6.92 4.80 -2.01
N ASN C 229 -6.06 3.93 -1.49
CA ASN C 229 -4.64 3.95 -1.83
C ASN C 229 -4.36 3.49 -3.26
N ASP C 230 -5.35 3.01 -3.99
CA ASP C 230 -5.08 2.45 -5.31
C ASP C 230 -6.08 2.92 -6.35
N VAL C 231 -6.78 4.03 -6.11
CA VAL C 231 -7.67 4.58 -7.11
C VAL C 231 -6.81 5.14 -8.23
N THR C 232 -7.42 5.43 -9.37
CA THR C 232 -6.69 6.08 -10.44
C THR C 232 -6.44 7.55 -10.12
N ALA C 233 -7.33 8.18 -9.36
CA ALA C 233 -7.18 9.59 -9.05
C ALA C 233 -8.11 9.99 -7.91
N ILE C 234 -7.65 10.96 -7.13
CA ILE C 234 -8.49 11.66 -6.19
C ILE C 234 -8.91 12.96 -6.83
N ILE C 235 -10.21 13.18 -6.95
CA ILE C 235 -10.78 14.44 -7.39
C ILE C 235 -11.05 15.26 -6.14
N PHE C 236 -10.45 16.46 -6.09
CA PHE C 236 -10.42 17.31 -4.92
C PHE C 236 -11.09 18.62 -5.32
N VAL C 237 -12.27 18.89 -4.77
CA VAL C 237 -13.04 20.07 -5.14
C VAL C 237 -12.86 21.12 -4.04
N VAL C 238 -12.50 22.33 -4.45
CA VAL C 238 -12.31 23.45 -3.53
C VAL C 238 -13.24 24.56 -3.99
N ALA C 239 -13.89 25.20 -3.02
CA ALA C 239 -14.68 26.41 -3.30
C ALA C 239 -13.77 27.60 -3.02
N SER C 240 -13.13 28.11 -4.08
CA SER C 240 -11.99 29.00 -3.92
C SER C 240 -12.31 30.21 -3.06
N SER C 241 -13.25 31.04 -3.53
CA SER C 241 -13.66 32.22 -2.79
C SER C 241 -13.85 31.89 -1.31
N SER C 242 -14.43 30.72 -1.02
CA SER C 242 -14.59 30.27 0.35
C SER C 242 -13.25 29.75 0.90
N ASN C 251 -19.27 36.03 10.24
CA ASN C 251 -18.72 34.84 10.87
C ASN C 251 -17.92 34.02 9.87
N GLN C 252 -17.54 34.64 8.76
CA GLN C 252 -16.82 33.92 7.71
C GLN C 252 -15.55 33.31 8.28
N THR C 253 -15.36 32.02 8.03
CA THR C 253 -14.15 31.31 8.39
C THR C 253 -13.22 31.23 7.18
N ASN C 254 -11.92 31.22 7.46
CA ASN C 254 -10.93 31.05 6.40
C ASN C 254 -10.94 29.58 5.96
N ARG C 255 -11.71 29.29 4.92
CA ARG C 255 -11.86 27.92 4.45
C ARG C 255 -10.82 27.53 3.41
N LEU C 256 -10.16 28.51 2.80
CA LEU C 256 -9.14 28.20 1.82
C LEU C 256 -7.90 27.61 2.48
N GLN C 257 -7.50 28.14 3.63
CA GLN C 257 -6.39 27.55 4.34
C GLN C 257 -6.74 26.15 4.86
N GLU C 258 -8.00 25.93 5.21
CA GLU C 258 -8.44 24.59 5.59
C GLU C 258 -8.30 23.62 4.42
N ALA C 259 -8.76 24.03 3.24
CA ALA C 259 -8.61 23.20 2.05
C ALA C 259 -7.13 22.95 1.72
N LEU C 260 -6.29 23.97 1.86
CA LEU C 260 -4.86 23.79 1.61
C LEU C 260 -4.25 22.81 2.58
N ASN C 261 -4.63 22.88 3.86
CA ASN C 261 -4.07 21.96 4.83
C ASN C 261 -4.53 20.54 4.57
N LEU C 262 -5.77 20.36 4.14
CA LEU C 262 -6.25 19.01 3.78
C LEU C 262 -5.49 18.48 2.57
N PHE C 263 -5.34 19.32 1.54
CA PHE C 263 -4.56 18.94 0.36
C PHE C 263 -3.15 18.52 0.77
N LYS C 264 -2.53 19.28 1.66
CA LYS C 264 -1.16 18.97 2.07
C LYS C 264 -1.08 17.68 2.87
N SER C 265 -2.05 17.43 3.75
CA SER C 265 -2.07 16.15 4.46
C SER C 265 -2.23 14.98 3.49
N ILE C 266 -3.09 15.12 2.48
CA ILE C 266 -3.27 14.05 1.51
C ILE C 266 -2.00 13.83 0.72
N TRP C 267 -1.39 14.92 0.24
CA TRP C 267 -0.21 14.82 -0.63
C TRP C 267 0.94 14.12 0.06
N ASN C 268 1.04 14.22 1.38
CA ASN C 268 2.18 13.68 2.11
C ASN C 268 1.86 12.44 2.93
N ASN C 269 0.62 11.96 2.87
CA ASN C 269 0.27 10.71 3.54
C ASN C 269 0.94 9.53 2.84
N ARG C 270 1.51 8.62 3.62
CA ARG C 270 2.34 7.58 3.04
C ARG C 270 1.56 6.56 2.23
N TRP C 271 0.24 6.46 2.43
CA TRP C 271 -0.56 5.53 1.65
C TRP C 271 -1.17 6.18 0.42
N LEU C 272 -1.04 7.48 0.26
CA LEU C 272 -1.56 8.18 -0.90
C LEU C 272 -0.46 8.81 -1.76
N ARG C 273 0.80 8.41 -1.54
CA ARG C 273 1.92 9.12 -2.16
C ARG C 273 1.97 8.96 -3.66
N THR C 274 1.54 7.81 -4.19
CA THR C 274 1.54 7.59 -5.62
C THR C 274 0.23 7.96 -6.28
N ILE C 275 -0.69 8.56 -5.53
CA ILE C 275 -1.99 8.91 -6.07
C ILE C 275 -1.93 10.34 -6.58
N SER C 276 -2.39 10.53 -7.80
CA SER C 276 -2.49 11.87 -8.35
C SER C 276 -3.82 12.51 -7.97
N VAL C 277 -3.81 13.84 -7.97
CA VAL C 277 -4.95 14.62 -7.53
C VAL C 277 -5.37 15.51 -8.69
N ILE C 278 -6.59 15.32 -9.15
CA ILE C 278 -7.24 16.26 -10.05
C ILE C 278 -7.89 17.31 -9.17
N LEU C 279 -7.48 18.56 -9.34
CA LEU C 279 -7.89 19.65 -8.46
C LEU C 279 -8.87 20.53 -9.21
N PHE C 280 -10.09 20.64 -8.70
CA PHE C 280 -11.10 21.51 -9.27
C PHE C 280 -11.24 22.73 -8.38
N LEU C 281 -11.08 23.90 -8.97
CA LEU C 281 -11.22 25.17 -8.28
C LEU C 281 -12.54 25.78 -8.73
N ASN C 282 -13.53 25.76 -7.85
CA ASN C 282 -14.91 25.99 -8.17
C ASN C 282 -15.27 27.45 -7.91
N LYS C 283 -16.53 27.78 -8.15
CA LYS C 283 -17.09 29.08 -7.80
C LYS C 283 -16.18 30.21 -8.26
N GLN C 284 -15.78 30.14 -9.53
CA GLN C 284 -14.96 31.19 -10.11
C GLN C 284 -15.78 32.45 -10.42
N ASP C 285 -17.09 32.31 -10.57
CA ASP C 285 -17.96 33.47 -10.70
C ASP C 285 -18.13 34.16 -9.35
N LEU C 286 -18.29 33.37 -8.29
CA LEU C 286 -18.26 33.92 -6.94
C LEU C 286 -16.99 34.74 -6.74
N LEU C 287 -15.85 34.24 -7.19
CA LEU C 287 -14.61 34.98 -7.11
C LEU C 287 -14.66 36.25 -7.96
N ALA C 288 -15.10 36.11 -9.21
CA ALA C 288 -15.20 37.26 -10.09
C ALA C 288 -16.04 38.37 -9.47
N GLU C 289 -17.00 38.01 -8.63
CA GLU C 289 -17.81 39.01 -7.94
C GLU C 289 -17.16 39.51 -6.66
N LYS C 290 -16.43 38.64 -5.95
CA LYS C 290 -15.86 39.03 -4.67
C LYS C 290 -14.66 39.95 -4.83
N VAL C 291 -13.73 39.57 -5.70
CA VAL C 291 -12.43 40.25 -5.82
C VAL C 291 -12.64 41.75 -5.96
N LEU C 292 -13.80 42.16 -6.47
CA LEU C 292 -14.12 43.57 -6.61
C LEU C 292 -14.09 44.27 -5.25
N LYS C 297 -10.94 41.13 1.14
CA LYS C 297 -11.46 39.87 1.68
C LYS C 297 -10.45 38.74 1.50
N ILE C 298 -9.55 38.90 0.53
CA ILE C 298 -8.57 37.88 0.21
C ILE C 298 -7.18 38.22 0.72
N GLU C 299 -6.85 39.50 0.85
CA GLU C 299 -5.52 39.87 1.34
C GLU C 299 -5.44 39.96 2.86
N ASP C 300 -6.57 39.95 3.56
CA ASP C 300 -6.55 39.80 5.01
C ASP C 300 -5.78 38.54 5.40
N TYR C 301 -6.21 37.39 4.88
CA TYR C 301 -5.37 36.20 4.90
C TYR C 301 -4.44 36.26 3.70
N PHE C 302 -3.46 35.38 3.67
CA PHE C 302 -2.51 35.29 2.56
C PHE C 302 -1.92 36.66 2.22
N PRO C 303 -1.19 37.28 3.15
CA PRO C 303 -0.64 38.61 2.87
C PRO C 303 0.29 38.65 1.67
N GLU C 304 0.93 37.54 1.34
CA GLU C 304 1.78 37.48 0.16
C GLU C 304 1.02 37.82 -1.10
N PHE C 305 -0.32 37.80 -1.06
CA PHE C 305 -1.13 38.15 -2.21
C PHE C 305 -0.90 39.60 -2.61
N ALA C 306 -0.16 40.37 -1.80
CA ALA C 306 0.19 41.73 -2.19
C ALA C 306 1.46 41.79 -3.03
N ARG C 307 2.28 40.75 -3.00
CA ARG C 307 3.50 40.71 -3.82
C ARG C 307 3.38 39.82 -5.05
N TYR C 308 2.55 38.78 -4.99
CA TYR C 308 2.42 37.84 -6.10
C TYR C 308 1.97 38.53 -7.37
N THR C 309 2.50 38.06 -8.51
CA THR C 309 2.11 38.52 -9.83
C THR C 309 1.71 37.33 -10.68
N THR C 310 0.89 37.58 -11.71
CA THR C 310 0.42 36.49 -12.55
C THR C 310 1.58 35.88 -13.32
N PRO C 311 1.67 34.55 -13.40
CA PRO C 311 2.76 33.96 -14.18
C PRO C 311 2.59 34.17 -15.67
N ASP C 321 -11.08 40.86 -15.81
CA ASP C 321 -10.14 41.82 -15.25
C ASP C 321 -8.86 41.12 -14.80
N PRO C 322 -7.80 41.90 -14.57
CA PRO C 322 -6.58 41.28 -14.04
C PRO C 322 -6.71 40.82 -12.59
N ARG C 323 -7.60 41.43 -11.81
CA ARG C 323 -7.66 41.12 -10.39
C ARG C 323 -8.17 39.70 -10.15
N VAL C 324 -9.24 39.31 -10.84
CA VAL C 324 -9.78 37.97 -10.65
C VAL C 324 -8.81 36.92 -11.17
N THR C 325 -8.18 37.19 -12.31
CA THR C 325 -7.11 36.32 -12.79
C THR C 325 -6.04 36.14 -11.73
N ARG C 326 -5.58 37.25 -11.14
CA ARG C 326 -4.54 37.19 -10.13
C ARG C 326 -4.97 36.32 -8.96
N ALA C 327 -6.13 36.61 -8.37
CA ALA C 327 -6.62 35.83 -7.25
C ALA C 327 -6.67 34.35 -7.59
N LYS C 328 -7.35 34.02 -8.69
CA LYS C 328 -7.50 32.64 -9.12
C LYS C 328 -6.15 31.93 -9.24
N TYR C 329 -5.22 32.53 -9.98
CA TYR C 329 -3.94 31.87 -10.21
C TYR C 329 -3.10 31.83 -8.96
N PHE C 330 -3.28 32.80 -8.05
CA PHE C 330 -2.57 32.77 -6.78
C PHE C 330 -3.01 31.58 -5.94
N ILE C 331 -4.31 31.30 -5.91
CA ILE C 331 -4.79 30.12 -5.19
C ILE C 331 -4.24 28.85 -5.84
N ARG C 332 -4.33 28.77 -7.17
CA ARG C 332 -3.76 27.64 -7.87
C ARG C 332 -2.29 27.44 -7.52
N ASP C 333 -1.55 28.55 -7.41
CA ASP C 333 -0.12 28.45 -7.14
C ASP C 333 0.17 28.03 -5.72
N GLU C 334 -0.65 28.44 -4.75
CA GLU C 334 -0.49 27.88 -3.41
C GLU C 334 -0.60 26.36 -3.45
N PHE C 335 -1.61 25.86 -4.15
CA PHE C 335 -1.77 24.42 -4.23
C PHE C 335 -0.60 23.76 -4.95
N LEU C 336 -0.16 24.35 -6.06
CA LEU C 336 0.95 23.76 -6.81
C LEU C 336 2.28 23.88 -6.07
N ARG C 337 2.42 24.86 -5.18
CA ARG C 337 3.62 24.93 -4.36
C ARG C 337 3.66 23.76 -3.38
N ILE C 338 2.57 23.53 -2.66
CA ILE C 338 2.52 22.31 -1.86
C ILE C 338 2.79 21.09 -2.72
N SER C 339 2.28 21.08 -3.94
CA SER C 339 2.36 19.89 -4.79
C SER C 339 3.77 19.59 -5.23
N THR C 340 4.51 20.62 -5.67
CA THR C 340 5.85 20.40 -6.16
C THR C 340 6.86 20.30 -5.03
N ALA C 341 6.50 20.72 -3.81
CA ALA C 341 7.45 20.65 -2.71
C ALA C 341 7.89 19.23 -2.38
N SER C 342 7.08 18.21 -2.65
CA SER C 342 7.36 16.89 -2.11
C SER C 342 7.22 15.73 -3.07
N GLY C 343 6.47 15.84 -4.17
CA GLY C 343 6.15 14.68 -4.98
C GLY C 343 7.35 13.83 -5.37
N ASP C 344 8.23 14.38 -6.19
CA ASP C 344 9.43 13.69 -6.69
C ASP C 344 9.11 12.62 -7.73
N GLY C 345 8.14 12.88 -8.61
CA GLY C 345 7.98 12.16 -9.85
C GLY C 345 6.81 11.20 -9.89
N ARG C 346 6.43 10.62 -8.75
CA ARG C 346 5.47 9.54 -8.78
C ARG C 346 4.02 10.00 -8.84
N HIS C 347 3.73 11.27 -8.56
CA HIS C 347 2.36 11.77 -8.71
C HIS C 347 2.41 13.24 -9.03
N TYR C 348 1.34 13.72 -9.64
CA TYR C 348 1.22 15.11 -10.06
C TYR C 348 -0.13 15.65 -9.65
N CYS C 349 -0.29 16.96 -9.82
CA CYS C 349 -1.54 17.65 -9.59
C CYS C 349 -2.01 18.21 -10.92
N TYR C 350 -3.29 18.06 -11.19
CA TYR C 350 -3.88 18.50 -12.45
C TYR C 350 -4.96 19.51 -12.11
N PRO C 351 -4.65 20.81 -12.07
CA PRO C 351 -5.65 21.79 -11.67
C PRO C 351 -6.48 22.34 -12.82
N HIS C 352 -7.77 22.55 -12.55
CA HIS C 352 -8.67 23.13 -13.53
C HIS C 352 -9.58 24.14 -12.83
N PHE C 353 -10.07 25.10 -13.61
CA PHE C 353 -11.03 26.09 -13.15
C PHE C 353 -12.41 25.68 -13.64
N THR C 354 -13.28 25.30 -12.70
CA THR C 354 -14.60 24.84 -13.05
C THR C 354 -15.66 25.85 -12.62
N VAL C 357 -21.62 22.42 -15.82
CA VAL C 357 -20.92 22.07 -17.05
C VAL C 357 -20.29 20.70 -16.88
N ASP C 358 -21.14 19.67 -16.87
CA ASP C 358 -20.67 18.32 -16.55
C ASP C 358 -19.81 17.75 -17.67
N THR C 359 -20.35 17.73 -18.89
CA THR C 359 -19.66 17.13 -20.02
C THR C 359 -18.17 17.44 -20.03
N GLU C 360 -17.83 18.72 -19.88
CA GLU C 360 -16.42 19.11 -19.95
C GLU C 360 -15.66 18.61 -18.73
N ASN C 361 -16.31 18.54 -17.56
CA ASN C 361 -15.60 18.05 -16.39
C ASN C 361 -15.30 16.57 -16.50
N ILE C 362 -16.21 15.78 -17.06
CA ILE C 362 -15.93 14.35 -17.23
C ILE C 362 -14.84 14.17 -18.27
N ARG C 363 -14.87 14.97 -19.34
CA ARG C 363 -13.80 14.88 -20.33
C ARG C 363 -12.45 15.24 -19.72
N ARG C 364 -12.44 16.22 -18.81
CA ARG C 364 -11.20 16.58 -18.13
C ARG C 364 -10.69 15.44 -17.27
N VAL C 365 -11.57 14.86 -16.45
CA VAL C 365 -11.17 13.71 -15.64
C VAL C 365 -10.61 12.62 -16.52
N PHE C 366 -11.22 12.39 -17.67
CA PHE C 366 -10.79 11.33 -18.58
C PHE C 366 -9.40 11.61 -19.12
N ASN C 367 -9.19 12.80 -19.69
CA ASN C 367 -7.89 13.15 -20.25
C ASN C 367 -6.82 13.13 -19.19
N ASP C 368 -7.16 13.50 -17.94
CA ASP C 368 -6.15 13.48 -16.88
C ASP C 368 -5.81 12.07 -16.45
N CYS C 369 -6.80 11.20 -16.35
CA CYS C 369 -6.50 9.81 -16.02
C CYS C 369 -5.62 9.18 -17.10
N ARG C 370 -5.88 9.53 -18.35
CA ARG C 370 -5.03 9.08 -19.44
C ARG C 370 -3.59 9.56 -19.26
N ASP C 371 -3.41 10.86 -18.99
CA ASP C 371 -2.08 11.37 -18.70
C ASP C 371 -1.44 10.64 -17.52
N ILE C 372 -2.22 10.35 -16.49
CA ILE C 372 -1.68 9.71 -15.29
C ILE C 372 -1.12 8.35 -15.64
N ILE C 373 -1.84 7.58 -16.44
CA ILE C 373 -1.38 6.25 -16.80
C ILE C 373 -0.18 6.32 -17.73
N GLN C 374 -0.21 7.24 -18.70
CA GLN C 374 0.93 7.43 -19.58
C GLN C 374 2.18 7.81 -18.81
N ARG C 375 2.05 8.69 -17.82
CA ARG C 375 3.23 9.11 -17.06
C ARG C 375 3.74 7.99 -16.18
N MET C 376 2.84 7.19 -15.61
CA MET C 376 3.29 6.03 -14.85
C MET C 376 4.12 5.09 -15.73
N HIS C 377 3.66 4.83 -16.95
CA HIS C 377 4.43 3.94 -17.83
C HIS C 377 5.73 4.59 -18.27
N LEU C 378 5.69 5.86 -18.64
CA LEU C 378 6.89 6.57 -19.07
C LEU C 378 7.94 6.59 -17.97
N ARG C 379 7.52 6.70 -16.72
CA ARG C 379 8.46 6.70 -15.62
C ARG C 379 8.98 5.31 -15.33
N GLN C 380 8.16 4.29 -15.55
CA GLN C 380 8.65 2.91 -15.43
C GLN C 380 9.80 2.64 -16.40
N TYR C 381 9.71 3.14 -17.63
CA TYR C 381 10.76 2.96 -18.62
C TYR C 381 11.90 3.97 -18.50
N GLU C 382 11.94 4.74 -17.42
CA GLU C 382 12.99 5.73 -17.19
C GLU C 382 13.07 6.74 -18.34
N LEU C 383 11.92 7.13 -18.86
CA LEU C 383 11.85 8.22 -19.82
C LEU C 383 11.36 9.51 -19.19
N LEU C 384 10.72 9.44 -18.03
CA LEU C 384 10.49 10.61 -17.20
C LEU C 384 11.25 10.40 -15.91
N SER D 8 -22.32 21.19 30.08
CA SER D 8 -23.16 21.73 31.14
C SER D 8 -23.22 20.76 32.32
N ILE D 9 -24.12 21.02 33.26
CA ILE D 9 -24.24 20.17 34.45
C ILE D 9 -24.52 18.73 34.07
N ALA D 10 -25.22 18.52 32.95
CA ALA D 10 -25.56 17.16 32.56
C ALA D 10 -24.31 16.34 32.25
N GLN D 11 -23.40 16.91 31.46
CA GLN D 11 -22.16 16.20 31.13
C GLN D 11 -21.34 15.94 32.39
N ALA D 12 -21.30 16.90 33.31
CA ALA D 12 -20.58 16.68 34.56
C ALA D 12 -21.19 15.54 35.36
N ARG D 13 -22.53 15.44 35.36
CA ARG D 13 -23.19 14.36 36.08
C ARG D 13 -22.86 13.01 35.45
N LYS D 14 -22.89 12.99 34.12
CA LYS D 14 -22.58 11.76 33.40
C LYS D 14 -21.15 11.36 33.77
N LEU D 15 -20.24 12.31 33.73
CA LEU D 15 -18.84 12.07 34.02
C LEU D 15 -18.66 11.47 35.40
N VAL D 16 -19.22 12.13 36.42
CA VAL D 16 -19.07 11.63 37.78
C VAL D 16 -19.71 10.26 37.93
N GLU D 17 -20.74 9.97 37.13
CA GLU D 17 -21.35 8.64 37.21
C GLU D 17 -20.42 7.58 36.63
N GLN D 18 -19.83 7.85 35.46
CA GLN D 18 -18.86 6.93 34.90
C GLN D 18 -17.66 6.76 35.82
N LEU D 19 -17.29 7.81 36.56
CA LEU D 19 -16.20 7.68 37.52
C LEU D 19 -16.60 6.83 38.71
N LYS D 20 -17.83 7.02 39.21
CA LYS D 20 -18.30 6.14 40.27
C LYS D 20 -18.34 4.69 39.80
N MET D 21 -18.51 4.47 38.49
CA MET D 21 -18.46 3.12 37.97
C MET D 21 -17.04 2.59 37.90
N GLU D 22 -16.11 3.41 37.40
CA GLU D 22 -14.71 3.02 37.27
C GLU D 22 -13.88 3.40 38.50
N ALA D 23 -14.51 3.50 39.66
CA ALA D 23 -13.81 3.66 40.92
C ALA D 23 -14.23 2.67 41.99
N ASN D 24 -15.39 2.02 41.85
CA ASN D 24 -15.83 0.99 42.78
C ASN D 24 -15.45 -0.41 42.30
N ILE D 25 -14.38 -0.53 41.54
CA ILE D 25 -13.90 -1.84 41.08
C ILE D 25 -13.07 -2.48 42.18
N ASP D 26 -13.05 -3.81 42.18
CA ASP D 26 -12.21 -4.59 43.10
C ASP D 26 -10.96 -5.02 42.33
N ARG D 27 -9.81 -4.47 42.72
CA ARG D 27 -8.57 -4.64 41.98
C ARG D 27 -7.61 -5.51 42.75
N ILE D 28 -7.04 -6.51 42.07
CA ILE D 28 -5.95 -7.31 42.59
C ILE D 28 -4.64 -6.61 42.25
N LYS D 29 -3.55 -7.03 42.86
CA LYS D 29 -2.24 -6.41 42.61
C LYS D 29 -1.57 -7.07 41.41
N VAL D 30 -0.73 -6.29 40.73
CA VAL D 30 -0.19 -6.72 39.44
C VAL D 30 0.64 -7.98 39.58
N SER D 31 1.32 -8.15 40.72
CA SER D 31 2.01 -9.41 40.98
C SER D 31 1.06 -10.56 40.68
N LYS D 32 -0.18 -10.44 41.13
CA LYS D 32 -1.16 -11.51 40.94
C LYS D 32 -1.54 -11.67 39.47
N ALA D 33 -1.65 -10.56 38.75
CA ALA D 33 -2.00 -10.65 37.33
C ALA D 33 -0.90 -11.30 36.52
N ALA D 34 0.35 -10.88 36.75
CA ALA D 34 1.49 -11.50 36.10
C ALA D 34 1.56 -12.98 36.44
N ALA D 35 1.38 -13.33 37.71
CA ALA D 35 1.34 -14.74 38.08
C ALA D 35 0.29 -15.48 37.28
N ASP D 36 -0.90 -14.89 37.16
CA ASP D 36 -1.98 -15.57 36.45
C ASP D 36 -1.61 -15.84 35.00
N LEU D 37 -1.18 -14.80 34.27
CA LEU D 37 -0.85 -14.99 32.86
C LEU D 37 0.32 -15.94 32.69
N MET D 38 1.33 -15.84 33.55
CA MET D 38 2.45 -16.76 33.52
C MET D 38 1.98 -18.20 33.65
N ALA D 39 1.23 -18.49 34.71
CA ALA D 39 0.74 -19.84 34.94
C ALA D 39 -0.08 -20.34 33.77
N TYR D 40 -0.93 -19.48 33.21
CA TYR D 40 -1.76 -19.91 32.09
C TYR D 40 -0.89 -20.32 30.91
N CYS D 41 -0.07 -19.39 30.41
CA CYS D 41 0.80 -19.74 29.28
C CYS D 41 1.64 -20.97 29.57
N GLU D 42 2.00 -21.19 30.83
CA GLU D 42 2.83 -22.34 31.18
C GLU D 42 2.04 -23.65 31.21
N ALA D 43 0.74 -23.58 31.43
CA ALA D 43 -0.08 -24.78 31.56
C ALA D 43 -0.71 -25.21 30.24
N HIS D 44 -0.73 -24.35 29.23
CA HIS D 44 -1.26 -24.67 27.90
C HIS D 44 -0.16 -24.63 26.84
N ALA D 45 1.07 -24.95 27.24
CA ALA D 45 2.20 -24.83 26.32
C ALA D 45 2.31 -26.04 25.42
N LYS D 46 2.08 -27.23 25.97
CA LYS D 46 2.17 -28.44 25.16
C LYS D 46 1.14 -28.44 24.04
N GLU D 47 0.08 -27.66 24.16
CA GLU D 47 -1.03 -27.65 23.20
C GLU D 47 -0.92 -26.50 22.20
N ASP D 48 0.28 -26.00 21.94
CA ASP D 48 0.47 -24.83 21.10
C ASP D 48 1.35 -25.20 19.91
N PRO D 49 0.77 -25.43 18.73
CA PRO D 49 1.60 -25.86 17.60
C PRO D 49 2.56 -24.79 17.08
N LEU D 50 2.16 -23.52 17.06
CA LEU D 50 3.06 -22.49 16.55
C LEU D 50 4.27 -22.29 17.44
N LEU D 51 4.18 -22.68 18.70
CA LEU D 51 5.29 -22.60 19.64
C LEU D 51 6.03 -23.91 19.74
N THR D 52 5.32 -25.03 19.64
CA THR D 52 5.89 -26.38 19.63
C THR D 52 5.72 -26.95 18.22
N PRO D 53 6.69 -26.78 17.33
CA PRO D 53 6.55 -27.34 15.98
C PRO D 53 6.08 -28.79 16.02
N VAL D 54 5.18 -29.12 15.10
CA VAL D 54 4.42 -30.36 15.17
C VAL D 54 4.87 -31.26 14.04
N PRO D 55 4.89 -32.58 14.22
CA PRO D 55 5.42 -33.46 13.17
C PRO D 55 4.76 -33.23 11.82
N ALA D 56 5.58 -33.17 10.78
CA ALA D 56 5.10 -32.99 9.41
C ALA D 56 3.91 -33.90 9.13
N SER D 57 3.97 -35.15 9.59
CA SER D 57 2.88 -36.09 9.42
C SER D 57 1.54 -35.47 9.81
N GLU D 58 1.41 -35.05 11.07
CA GLU D 58 0.14 -34.59 11.62
C GLU D 58 -0.07 -33.09 11.47
N ASN D 59 0.55 -32.48 10.46
CA ASN D 59 0.35 -31.07 10.18
C ASN D 59 -0.49 -30.91 8.92
N PRO D 60 -1.74 -30.45 9.02
CA PRO D 60 -2.56 -30.28 7.80
C PRO D 60 -1.85 -29.63 6.64
N PHE D 61 -1.06 -28.60 6.89
CA PHE D 61 -0.49 -27.78 5.83
C PHE D 61 0.89 -28.25 5.39
N ARG D 62 1.33 -29.42 5.85
CA ARG D 62 2.57 -30.01 5.35
C ARG D 62 2.39 -31.41 4.77
N GLU D 63 1.57 -32.26 5.36
CA GLU D 63 1.33 -33.60 4.83
C GLU D 63 0.04 -34.12 5.44
N LYS D 64 -0.77 -34.78 4.61
CA LYS D 64 -2.07 -35.28 5.04
C LYS D 64 -1.92 -36.31 6.17
N MET E 207 43.97 -13.31 -27.00
CA MET E 207 42.65 -13.46 -27.61
C MET E 207 41.79 -14.40 -26.79
N SER E 208 42.37 -15.51 -26.31
CA SER E 208 41.64 -16.40 -25.42
C SER E 208 41.13 -15.66 -24.20
N LEU E 209 41.94 -14.75 -23.67
CA LEU E 209 41.53 -13.98 -22.50
C LEU E 209 40.32 -13.12 -22.82
N LEU E 210 40.39 -12.36 -23.91
CA LEU E 210 39.29 -11.46 -24.24
C LEU E 210 38.00 -12.24 -24.47
N MET E 211 38.10 -13.39 -25.12
CA MET E 211 36.90 -14.17 -25.38
C MET E 211 36.36 -14.80 -24.10
N ALA E 212 37.25 -15.23 -23.21
CA ALA E 212 36.81 -15.69 -21.90
C ALA E 212 36.04 -14.60 -21.19
N LEU E 213 36.48 -13.35 -21.34
CA LEU E 213 35.80 -12.27 -20.65
C LEU E 213 34.42 -12.03 -21.23
N VAL E 214 34.29 -12.10 -22.56
CA VAL E 214 32.97 -11.91 -23.15
C VAL E 214 32.03 -13.01 -22.69
N VAL E 215 32.52 -14.25 -22.65
CA VAL E 215 31.71 -15.34 -22.12
C VAL E 215 31.24 -15.00 -20.72
N LEU E 216 32.20 -14.83 -19.80
CA LEU E 216 31.88 -14.58 -18.40
C LEU E 216 30.81 -13.50 -18.27
N LEU E 217 30.98 -12.39 -18.98
CA LEU E 217 30.01 -11.30 -18.84
C LEU E 217 28.62 -11.76 -19.25
N ILE E 218 28.50 -12.39 -20.43
CA ILE E 218 27.18 -12.80 -20.89
C ILE E 218 26.52 -13.72 -19.87
N VAL E 219 27.24 -14.77 -19.48
CA VAL E 219 26.65 -15.78 -18.62
C VAL E 219 26.26 -15.18 -17.27
N ALA E 220 27.16 -14.43 -16.65
CA ALA E 220 26.87 -13.88 -15.33
C ALA E 220 25.68 -12.93 -15.39
N GLY E 221 25.68 -12.01 -16.35
CA GLY E 221 24.58 -11.06 -16.42
C GLY E 221 23.24 -11.74 -16.56
N ASN E 222 23.15 -12.70 -17.47
CA ASN E 222 21.83 -13.27 -17.71
C ASN E 222 21.41 -14.22 -16.61
N VAL E 223 22.34 -14.93 -15.99
CA VAL E 223 21.95 -15.76 -14.85
C VAL E 223 21.45 -14.89 -13.71
N LEU E 224 22.08 -13.73 -13.50
CA LEU E 224 21.56 -12.81 -12.50
C LEU E 224 20.14 -12.38 -12.83
N VAL E 225 19.89 -12.01 -14.09
CA VAL E 225 18.55 -11.53 -14.43
C VAL E 225 17.51 -12.61 -14.19
N ILE E 226 17.79 -13.84 -14.63
CA ILE E 226 16.80 -14.91 -14.47
C ILE E 226 16.58 -15.21 -13.00
N ALA E 227 17.67 -15.32 -12.23
CA ALA E 227 17.53 -15.60 -10.80
C ALA E 227 16.68 -14.54 -10.13
N ALA E 228 16.94 -13.27 -10.43
CA ALA E 228 16.16 -12.20 -9.84
C ALA E 228 14.69 -12.35 -10.19
N ILE E 229 14.37 -12.43 -11.49
CA ILE E 229 12.96 -12.44 -11.88
C ILE E 229 12.24 -13.65 -11.32
N GLY E 230 12.96 -14.73 -11.06
CA GLY E 230 12.33 -15.93 -10.55
C GLY E 230 12.36 -16.10 -9.06
N SER E 231 13.07 -15.23 -8.34
CA SER E 231 13.20 -15.32 -6.89
C SER E 231 12.68 -14.06 -6.21
N THR E 232 11.78 -13.33 -6.85
CA THR E 232 11.25 -12.10 -6.28
C THR E 232 9.84 -11.91 -6.78
N GLN E 233 8.86 -11.97 -5.87
CA GLN E 233 7.47 -11.84 -6.26
C GLN E 233 7.21 -10.48 -6.90
N ARG E 234 7.82 -9.43 -6.37
CA ARG E 234 7.60 -8.08 -6.88
C ARG E 234 7.97 -7.98 -8.36
N LEU E 235 8.98 -8.73 -8.81
CA LEU E 235 9.46 -8.63 -10.18
C LEU E 235 8.67 -9.47 -11.17
N GLN E 236 7.80 -10.36 -10.72
CA GLN E 236 7.14 -11.30 -11.62
C GLN E 236 5.93 -10.63 -12.29
N THR E 237 6.25 -9.62 -13.09
CA THR E 237 5.25 -8.84 -13.80
C THR E 237 5.05 -9.43 -15.19
N LEU E 238 4.19 -8.78 -15.98
CA LEU E 238 3.92 -9.27 -17.33
C LEU E 238 5.05 -8.97 -18.30
N THR E 239 5.73 -7.84 -18.17
CA THR E 239 6.83 -7.51 -19.07
C THR E 239 8.10 -8.28 -18.73
N ASN E 240 8.23 -8.74 -17.50
CA ASN E 240 9.39 -9.55 -17.16
C ASN E 240 9.29 -10.96 -17.71
N LEU E 241 8.14 -11.37 -18.24
CA LEU E 241 8.10 -12.60 -19.03
C LEU E 241 8.89 -12.43 -20.33
N PHE E 242 8.69 -11.30 -21.00
CA PHE E 242 9.51 -10.99 -22.16
C PHE E 242 10.98 -10.86 -21.78
N ILE E 243 11.27 -10.20 -20.66
CA ILE E 243 12.66 -10.10 -20.25
C ILE E 243 13.26 -11.47 -19.98
N THR E 244 12.46 -12.40 -19.46
CA THR E 244 12.93 -13.77 -19.24
C THR E 244 13.23 -14.45 -20.58
N SER E 245 12.36 -14.30 -21.56
CA SER E 245 12.63 -14.81 -22.90
C SER E 245 14.00 -14.32 -23.39
N LEU E 246 14.21 -13.01 -23.30
CA LEU E 246 15.48 -12.42 -23.76
C LEU E 246 16.67 -13.00 -23.01
N ALA E 247 16.55 -13.11 -21.68
CA ALA E 247 17.67 -13.61 -20.90
C ALA E 247 17.96 -15.07 -21.20
N CYS E 248 16.94 -15.87 -21.52
CA CYS E 248 17.20 -17.26 -21.86
C CYS E 248 17.92 -17.37 -23.20
N ALA E 249 17.47 -16.60 -24.20
CA ALA E 249 18.17 -16.58 -25.48
C ALA E 249 19.63 -16.22 -25.28
N ASP E 250 19.88 -15.14 -24.53
CA ASP E 250 21.25 -14.69 -24.31
C ASP E 250 22.04 -15.71 -23.52
N LEU E 251 21.41 -16.42 -22.60
CA LEU E 251 22.12 -17.43 -21.83
C LEU E 251 22.55 -18.59 -22.72
N VAL E 252 21.69 -18.99 -23.66
CA VAL E 252 22.09 -20.03 -24.60
C VAL E 252 23.26 -19.55 -25.43
N VAL E 253 23.17 -18.32 -25.96
CA VAL E 253 24.30 -17.79 -26.73
C VAL E 253 25.58 -17.92 -25.92
N GLY E 254 25.57 -17.35 -24.71
CA GLY E 254 26.78 -17.31 -23.91
C GLY E 254 27.32 -18.68 -23.53
N LEU E 255 26.43 -19.63 -23.25
CA LEU E 255 26.90 -20.92 -22.76
C LEU E 255 27.36 -21.83 -23.88
N LEU E 256 26.65 -21.87 -25.00
CA LEU E 256 26.94 -22.84 -26.05
C LEU E 256 27.53 -22.21 -27.30
N VAL E 257 26.97 -21.12 -27.80
CA VAL E 257 27.38 -20.64 -29.12
C VAL E 257 28.79 -20.08 -29.07
N VAL E 258 29.08 -19.25 -28.09
CA VAL E 258 30.30 -18.44 -28.09
C VAL E 258 31.54 -19.29 -27.81
N PRO E 259 31.48 -20.30 -26.94
CA PRO E 259 32.70 -21.09 -26.71
C PRO E 259 33.19 -21.82 -27.95
N PHE E 260 32.28 -22.37 -28.75
CA PHE E 260 32.69 -23.03 -29.98
C PHE E 260 33.21 -22.02 -30.99
N GLY E 261 32.60 -20.83 -31.05
CA GLY E 261 33.11 -19.79 -31.91
C GLY E 261 34.53 -19.40 -31.54
N ALA E 262 34.80 -19.29 -30.24
CA ALA E 262 36.15 -18.97 -29.80
C ALA E 262 37.12 -20.08 -30.16
N THR E 263 36.70 -21.33 -30.02
CA THR E 263 37.57 -22.42 -30.42
C THR E 263 37.93 -22.29 -31.90
N LEU E 264 36.94 -21.99 -32.72
CA LEU E 264 37.18 -21.85 -34.16
C LEU E 264 38.14 -20.72 -34.45
N VAL E 265 38.00 -19.61 -33.74
CA VAL E 265 38.87 -18.46 -33.98
C VAL E 265 40.30 -18.78 -33.58
N VAL E 266 40.48 -19.36 -32.38
CA VAL E 266 41.82 -19.50 -31.82
C VAL E 266 42.54 -20.75 -32.30
N ARG E 267 41.89 -21.62 -33.07
CA ARG E 267 42.59 -22.72 -33.71
C ARG E 267 42.46 -22.71 -35.22
N GLY E 268 41.77 -21.73 -35.80
CA GLY E 268 41.71 -21.65 -37.26
C GLY E 268 41.28 -22.93 -37.91
N THR E 269 40.40 -23.68 -37.25
CA THR E 269 39.94 -24.97 -37.76
C THR E 269 38.83 -25.49 -36.85
N TRP E 270 37.97 -26.32 -37.38
CA TRP E 270 36.90 -26.94 -36.61
C TRP E 270 37.40 -28.27 -36.07
N LEU E 271 36.95 -28.61 -34.86
CA LEU E 271 37.46 -29.79 -34.16
C LEU E 271 36.36 -30.75 -33.74
N TRP E 272 35.14 -30.59 -34.25
CA TRP E 272 33.99 -31.28 -33.67
C TRP E 272 33.17 -32.03 -34.71
N GLY E 273 33.75 -32.41 -35.83
CA GLY E 273 33.02 -33.15 -36.83
C GLY E 273 31.91 -32.37 -37.49
N SER E 274 31.33 -32.92 -38.56
CA SER E 274 30.36 -32.18 -39.35
C SER E 274 29.03 -32.03 -38.64
N PHE E 275 28.55 -33.08 -37.99
CA PHE E 275 27.22 -33.02 -37.38
C PHE E 275 27.14 -31.87 -36.38
N LEU E 276 28.12 -31.78 -35.49
CA LEU E 276 28.10 -30.69 -34.53
C LEU E 276 28.28 -29.34 -35.20
N CYS E 277 28.95 -29.28 -36.35
CA CYS E 277 29.01 -28.02 -37.08
C CYS E 277 27.60 -27.59 -37.46
N GLU E 278 26.82 -28.51 -38.04
CA GLU E 278 25.46 -28.18 -38.40
C GLU E 278 24.65 -27.75 -37.18
N LEU E 279 24.78 -28.49 -36.09
CA LEU E 279 23.96 -28.19 -34.92
C LEU E 279 24.33 -26.85 -34.32
N TRP E 280 25.63 -26.54 -34.25
CA TRP E 280 26.07 -25.27 -33.69
C TRP E 280 25.63 -24.10 -34.57
N THR E 281 25.73 -24.25 -35.89
CA THR E 281 25.23 -23.21 -36.77
C THR E 281 23.75 -22.95 -36.52
N SER E 282 22.97 -24.03 -36.47
CA SER E 282 21.53 -23.89 -36.26
C SER E 282 21.23 -23.19 -34.95
N LEU E 283 21.92 -23.60 -33.88
CA LEU E 283 21.66 -23.03 -32.57
C LEU E 283 22.03 -21.55 -32.53
N ASP E 284 23.14 -21.18 -33.15
CA ASP E 284 23.54 -19.78 -33.21
C ASP E 284 22.48 -18.95 -33.88
N VAL E 285 22.03 -19.36 -35.06
CA VAL E 285 21.03 -18.55 -35.75
C VAL E 285 19.74 -18.50 -34.95
N LEU E 286 19.36 -19.63 -34.33
CA LEU E 286 18.12 -19.67 -33.56
C LEU E 286 18.15 -18.68 -32.41
N CYS E 287 19.21 -18.72 -31.60
CA CYS E 287 19.25 -17.88 -30.41
C CYS E 287 19.39 -16.41 -30.77
N VAL E 288 20.20 -16.08 -31.78
CA VAL E 288 20.29 -14.69 -32.20
C VAL E 288 18.92 -14.19 -32.65
N THR E 289 18.20 -15.00 -33.44
CA THR E 289 16.90 -14.55 -33.91
C THR E 289 15.90 -14.41 -32.77
N ALA E 290 15.92 -15.32 -31.81
CA ALA E 290 15.02 -15.21 -30.68
C ALA E 290 15.31 -13.94 -29.87
N SER E 291 16.59 -13.65 -29.67
CA SER E 291 16.97 -12.44 -28.94
C SER E 291 16.47 -11.18 -29.64
N ILE E 292 16.70 -11.08 -30.94
CA ILE E 292 16.34 -9.86 -31.64
C ILE E 292 14.82 -9.71 -31.72
N GLU E 293 14.10 -10.82 -31.93
CA GLU E 293 12.64 -10.76 -31.96
C GLU E 293 12.07 -10.41 -30.59
N THR E 294 12.70 -10.89 -29.51
CA THR E 294 12.24 -10.53 -28.18
C THR E 294 12.44 -9.06 -27.90
N LEU E 295 13.55 -8.48 -28.37
CA LEU E 295 13.70 -7.04 -28.23
C LEU E 295 12.61 -6.29 -28.98
N CYS E 296 12.29 -6.73 -30.19
CA CYS E 296 11.20 -6.10 -30.93
C CYS E 296 9.87 -6.24 -30.18
N VAL E 297 9.64 -7.38 -29.53
CA VAL E 297 8.41 -7.58 -28.80
C VAL E 297 8.34 -6.65 -27.59
N ILE E 298 9.45 -6.47 -26.89
CA ILE E 298 9.46 -5.56 -25.75
C ILE E 298 9.14 -4.14 -26.22
N ALA E 299 9.68 -3.77 -27.38
CA ALA E 299 9.36 -2.46 -27.92
C ALA E 299 7.87 -2.34 -28.25
N ILE E 300 7.28 -3.39 -28.83
CA ILE E 300 5.85 -3.32 -29.16
C ILE E 300 5.00 -3.27 -27.90
N ASP E 301 5.40 -3.96 -26.84
CA ASP E 301 4.67 -3.91 -25.58
C ASP E 301 4.67 -2.51 -25.00
N ARG E 302 5.85 -1.87 -24.97
CA ARG E 302 5.90 -0.49 -24.50
C ARG E 302 5.06 0.43 -25.36
N TYR E 303 5.13 0.24 -26.68
CA TYR E 303 4.34 1.06 -27.59
C TYR E 303 2.86 0.92 -27.31
N LEU E 304 2.40 -0.28 -26.98
CA LEU E 304 0.98 -0.47 -26.70
C LEU E 304 0.61 0.13 -25.35
N ALA E 305 1.45 -0.04 -24.34
CA ALA E 305 1.13 0.51 -23.03
C ALA E 305 1.06 2.03 -23.06
N ILE E 306 1.84 2.67 -23.93
CA ILE E 306 1.80 4.13 -23.99
C ILE E 306 0.76 4.64 -24.97
N THR E 307 0.65 4.06 -26.16
CA THR E 307 -0.27 4.59 -27.16
C THR E 307 -1.72 4.16 -26.96
N SER E 308 -1.97 3.16 -26.13
CA SER E 308 -3.31 2.68 -25.87
C SER E 308 -3.50 2.48 -24.37
N PRO E 309 -3.26 3.51 -23.55
CA PRO E 309 -3.23 3.33 -22.09
C PRO E 309 -4.37 2.52 -21.51
N PHE E 310 -5.60 2.79 -21.95
CA PHE E 310 -6.76 2.17 -21.31
C PHE E 310 -6.94 0.72 -21.78
N ARG E 311 -7.04 0.51 -23.09
CA ARG E 311 -7.20 -0.82 -23.64
C ARG E 311 -6.03 -1.75 -23.33
N TYR E 312 -4.92 -1.24 -22.82
CA TYR E 312 -3.75 -2.08 -22.64
C TYR E 312 -3.95 -3.14 -21.59
N GLN E 313 -4.81 -2.88 -20.60
CA GLN E 313 -5.08 -3.91 -19.60
C GLN E 313 -5.83 -5.09 -20.19
N SER E 314 -6.70 -4.84 -21.18
CA SER E 314 -7.37 -5.93 -21.89
C SER E 314 -6.43 -6.59 -22.89
N LEU E 315 -5.94 -5.83 -23.86
CA LEU E 315 -5.09 -6.34 -24.92
C LEU E 315 -3.99 -7.27 -24.44
N MET E 316 -3.53 -7.08 -23.20
CA MET E 316 -2.29 -7.73 -22.74
C MET E 316 -2.58 -8.50 -21.46
N THR E 317 -2.77 -9.81 -21.60
CA THR E 317 -2.87 -10.73 -20.48
C THR E 317 -1.70 -11.70 -20.54
N ARG E 318 -1.44 -12.36 -19.41
CA ARG E 318 -0.32 -13.30 -19.35
C ARG E 318 -0.48 -14.43 -20.35
N ALA E 319 -1.72 -14.84 -20.64
CA ALA E 319 -1.93 -15.86 -21.65
C ALA E 319 -1.48 -15.40 -23.02
N ARG E 320 -1.82 -14.17 -23.38
CA ARG E 320 -1.40 -13.67 -24.69
C ARG E 320 0.09 -13.42 -24.71
N ALA E 321 0.67 -13.01 -23.58
CA ALA E 321 2.13 -12.87 -23.50
C ALA E 321 2.80 -14.19 -23.79
N LYS E 322 2.29 -15.27 -23.21
CA LYS E 322 2.91 -16.57 -23.42
C LYS E 322 2.73 -17.04 -24.84
N VAL E 323 1.56 -16.78 -25.44
CA VAL E 323 1.39 -17.11 -26.86
C VAL E 323 2.39 -16.35 -27.71
N ILE E 324 2.65 -15.08 -27.38
CA ILE E 324 3.60 -14.27 -28.15
C ILE E 324 5.00 -14.87 -28.04
N ILE E 325 5.40 -15.25 -26.84
CA ILE E 325 6.74 -15.82 -26.67
C ILE E 325 6.86 -17.13 -27.45
N CYS E 326 5.81 -17.96 -27.42
CA CYS E 326 5.85 -19.21 -28.16
C CYS E 326 5.94 -18.94 -29.65
N THR E 327 5.22 -17.95 -30.15
CA THR E 327 5.32 -17.64 -31.58
C THR E 327 6.71 -17.14 -31.94
N VAL E 328 7.35 -16.39 -31.06
CA VAL E 328 8.70 -15.91 -31.34
C VAL E 328 9.66 -17.09 -31.48
N TRP E 329 9.64 -17.98 -30.50
CA TRP E 329 10.57 -19.11 -30.58
C TRP E 329 10.22 -20.04 -31.74
N ALA E 330 8.95 -20.12 -32.15
CA ALA E 330 8.61 -20.94 -33.30
C ALA E 330 9.14 -20.32 -34.60
N ILE E 331 9.02 -19.00 -34.74
CA ILE E 331 9.61 -18.35 -35.92
C ILE E 331 11.10 -18.57 -35.95
N SER E 332 11.76 -18.46 -34.79
CA SER E 332 13.20 -18.68 -34.75
C SER E 332 13.53 -20.09 -35.22
N ALA E 333 12.80 -21.09 -34.72
CA ALA E 333 13.04 -22.46 -35.13
C ALA E 333 12.86 -22.62 -36.63
N LEU E 334 11.80 -22.04 -37.18
CA LEU E 334 11.54 -22.23 -38.59
C LEU E 334 12.58 -21.55 -39.47
N VAL E 335 13.17 -20.46 -38.98
CA VAL E 335 14.20 -19.78 -39.76
C VAL E 335 15.54 -20.49 -39.66
N SER E 336 15.83 -21.11 -38.52
CA SER E 336 17.16 -21.67 -38.27
C SER E 336 17.24 -23.17 -38.51
N PHE E 337 16.47 -23.95 -37.77
CA PHE E 337 16.70 -25.39 -37.72
C PHE E 337 16.13 -26.13 -38.91
N LEU E 338 15.07 -25.62 -39.51
CA LEU E 338 14.49 -26.35 -40.65
C LEU E 338 15.38 -26.25 -41.88
N PRO E 339 15.78 -25.06 -42.34
CA PRO E 339 16.57 -25.00 -43.57
C PRO E 339 18.01 -25.44 -43.40
N ILE E 340 18.57 -25.32 -42.21
CA ILE E 340 19.97 -25.67 -42.01
C ILE E 340 20.13 -27.18 -41.91
N MET E 341 19.23 -27.85 -41.20
CA MET E 341 19.27 -29.30 -41.08
C MET E 341 18.63 -30.00 -42.27
N MET E 342 18.13 -29.26 -43.25
CA MET E 342 17.54 -29.84 -44.45
C MET E 342 18.34 -29.54 -45.71
N HIS E 343 19.38 -28.70 -45.60
CA HIS E 343 20.23 -28.35 -46.75
C HIS E 343 19.45 -27.52 -47.78
N TRP E 344 18.83 -26.43 -47.32
CA TRP E 344 18.22 -25.46 -48.20
C TRP E 344 19.06 -24.19 -48.34
N TRP E 345 20.18 -24.11 -47.64
CA TRP E 345 21.00 -22.91 -47.61
C TRP E 345 22.31 -23.05 -48.37
N ARG E 346 22.70 -24.25 -48.73
CA ARG E 346 24.03 -24.48 -49.25
C ARG E 346 24.12 -24.01 -50.70
N ASP E 347 25.22 -23.35 -51.03
CA ASP E 347 25.39 -22.82 -52.37
C ASP E 347 25.88 -23.90 -53.31
N GLU E 348 25.72 -23.66 -54.61
CA GLU E 348 26.11 -24.60 -55.65
C GLU E 348 27.43 -24.22 -56.32
N ASP E 349 28.39 -23.70 -55.54
CA ASP E 349 29.67 -23.25 -56.06
C ASP E 349 30.79 -24.21 -55.66
N PRO E 350 31.78 -24.43 -56.53
CA PRO E 350 32.87 -25.36 -56.20
C PRO E 350 33.50 -25.14 -54.83
N GLN E 351 33.88 -23.91 -54.49
CA GLN E 351 34.50 -23.68 -53.20
C GLN E 351 33.56 -24.02 -52.06
N ALA E 352 32.28 -23.66 -52.19
CA ALA E 352 31.31 -24.02 -51.18
C ALA E 352 31.24 -25.53 -51.00
N LEU E 353 31.09 -26.26 -52.10
CA LEU E 353 31.11 -27.73 -52.03
C LEU E 353 32.35 -28.22 -51.31
N LYS E 354 33.52 -27.67 -51.66
CA LYS E 354 34.75 -28.14 -51.05
C LYS E 354 34.73 -27.93 -49.54
N CYS E 355 34.09 -26.85 -49.07
CA CYS E 355 34.00 -26.65 -47.63
C CYS E 355 32.99 -27.62 -46.99
N TYR E 356 31.86 -27.85 -47.66
CA TYR E 356 30.86 -28.75 -47.10
C TYR E 356 31.40 -30.17 -46.98
N GLN E 357 32.29 -30.57 -47.87
CA GLN E 357 32.81 -31.94 -47.91
C GLN E 357 34.16 -32.05 -47.21
N ASP E 358 34.35 -31.27 -46.14
CA ASP E 358 35.51 -31.37 -45.28
C ASP E 358 35.00 -31.18 -43.86
N PRO E 359 35.35 -32.08 -42.92
CA PRO E 359 34.95 -31.85 -41.53
C PRO E 359 35.69 -30.71 -40.86
N GLY E 360 36.86 -30.32 -41.40
CA GLY E 360 37.62 -29.25 -40.78
C GLY E 360 37.06 -27.88 -41.08
N CYS E 361 36.38 -27.73 -42.20
CA CYS E 361 35.81 -26.45 -42.61
C CYS E 361 34.39 -26.37 -42.10
N CYS E 362 34.11 -25.36 -41.26
CA CYS E 362 32.75 -25.10 -40.79
C CYS E 362 32.48 -23.62 -41.04
N ASP E 363 32.11 -23.30 -42.27
CA ASP E 363 31.81 -21.94 -42.67
C ASP E 363 30.30 -21.73 -42.68
N PHE E 364 29.88 -20.54 -43.08
CA PHE E 364 28.49 -20.27 -43.41
C PHE E 364 28.50 -19.59 -44.76
N VAL E 365 28.55 -20.39 -45.82
CA VAL E 365 28.59 -19.89 -47.18
C VAL E 365 27.27 -20.23 -47.85
N THR E 366 26.33 -19.32 -47.79
CA THR E 366 24.95 -19.59 -48.17
C THR E 366 24.69 -19.12 -49.60
N ASN E 367 23.54 -19.52 -50.12
CA ASN E 367 23.07 -19.01 -51.39
C ASN E 367 22.36 -17.68 -51.17
N ARG E 368 22.07 -17.00 -52.28
CA ARG E 368 21.50 -15.66 -52.18
C ARG E 368 20.15 -15.68 -51.48
N ALA E 369 19.27 -16.59 -51.89
CA ALA E 369 17.91 -16.57 -51.38
C ALA E 369 17.87 -16.69 -49.88
N TYR E 370 18.63 -17.63 -49.32
CA TYR E 370 18.57 -17.83 -47.87
C TYR E 370 19.18 -16.67 -47.14
N ALA E 371 20.31 -16.15 -47.63
CA ALA E 371 20.91 -14.97 -47.02
C ALA E 371 19.88 -13.86 -46.90
N ILE E 372 19.30 -13.46 -48.04
CA ILE E 372 18.37 -12.34 -48.05
C ILE E 372 17.20 -12.61 -47.12
N ALA E 373 16.55 -13.76 -47.28
CA ALA E 373 15.32 -14.00 -46.51
C ALA E 373 15.60 -14.09 -45.01
N SER E 374 16.66 -14.80 -44.62
CA SER E 374 16.94 -14.94 -43.20
C SER E 374 17.36 -13.62 -42.59
N SER E 375 18.11 -12.80 -43.34
CA SER E 375 18.47 -11.49 -42.84
C SER E 375 17.24 -10.62 -42.64
N ILE E 376 16.36 -10.59 -43.64
CA ILE E 376 15.14 -9.78 -43.54
C ILE E 376 14.33 -10.20 -42.33
N ILE E 377 14.13 -11.51 -42.15
CA ILE E 377 13.23 -11.95 -41.08
C ILE E 377 13.87 -11.82 -39.71
N SER E 378 15.18 -11.97 -39.59
CA SER E 378 15.81 -11.97 -38.28
C SER E 378 16.26 -10.60 -37.80
N PHE E 379 16.63 -9.69 -38.70
CA PHE E 379 17.19 -8.41 -38.28
C PHE E 379 16.41 -7.21 -38.80
N TYR E 380 16.12 -7.15 -40.09
CA TYR E 380 15.72 -5.88 -40.69
C TYR E 380 14.30 -5.48 -40.31
N ILE E 381 13.38 -6.44 -40.30
CA ILE E 381 11.99 -6.16 -39.91
C ILE E 381 11.96 -5.79 -38.44
N PRO E 382 12.59 -6.56 -37.56
CA PRO E 382 12.65 -6.14 -36.16
C PRO E 382 13.24 -4.76 -35.97
N LEU E 383 14.28 -4.40 -36.72
CA LEU E 383 14.88 -3.08 -36.57
C LEU E 383 13.93 -1.98 -37.02
N LEU E 384 13.25 -2.17 -38.15
CA LEU E 384 12.30 -1.16 -38.57
C LEU E 384 11.19 -0.98 -37.54
N ILE E 385 10.70 -2.09 -36.98
CA ILE E 385 9.63 -1.99 -36.01
C ILE E 385 10.12 -1.27 -34.75
N MET E 386 11.36 -1.55 -34.33
CA MET E 386 11.88 -0.88 -33.14
C MET E 386 12.03 0.61 -33.37
N ILE E 387 12.52 1.00 -34.55
CA ILE E 387 12.64 2.42 -34.88
C ILE E 387 11.28 3.10 -34.82
N PHE E 388 10.29 2.50 -35.49
CA PHE E 388 8.95 3.08 -35.52
C PHE E 388 8.40 3.25 -34.10
N VAL E 389 8.43 2.19 -33.30
CA VAL E 389 7.79 2.27 -31.99
C VAL E 389 8.52 3.26 -31.11
N TYR E 390 9.85 3.27 -31.13
CA TYR E 390 10.54 4.16 -30.20
C TYR E 390 10.49 5.61 -30.65
N LEU E 391 10.32 5.88 -31.93
CA LEU E 391 10.01 7.26 -32.33
C LEU E 391 8.67 7.70 -31.75
N ARG E 392 7.66 6.85 -31.85
CA ARG E 392 6.37 7.22 -31.27
C ARG E 392 6.47 7.43 -29.76
N VAL E 393 7.20 6.55 -29.07
CA VAL E 393 7.35 6.67 -27.62
C VAL E 393 8.06 7.98 -27.26
N TYR E 394 9.10 8.34 -28.01
CA TYR E 394 9.78 9.60 -27.76
C TYR E 394 8.84 10.78 -27.94
N ARG E 395 8.01 10.75 -28.98
CA ARG E 395 7.06 11.83 -29.21
C ARG E 395 6.12 11.98 -28.01
N GLU E 396 5.62 10.87 -27.49
CA GLU E 396 4.72 10.95 -26.35
C GLU E 396 5.42 11.46 -25.11
N ALA E 397 6.67 11.04 -24.89
CA ALA E 397 7.38 11.53 -23.72
C ALA E 397 7.62 13.04 -23.81
N LYS E 398 7.87 13.55 -25.01
CA LYS E 398 8.05 14.99 -25.16
C LYS E 398 6.75 15.73 -24.91
N GLU E 399 5.62 15.19 -25.37
CA GLU E 399 4.35 15.83 -25.07
C GLU E 399 4.07 15.88 -23.58
N GLN E 400 4.36 14.79 -22.86
CA GLN E 400 4.09 14.81 -21.43
C GLN E 400 5.04 15.76 -20.72
N ILE E 401 6.29 15.86 -21.16
CA ILE E 401 7.22 16.81 -20.55
C ILE E 401 6.71 18.24 -20.76
N ARG E 402 6.21 18.53 -21.95
CA ARG E 402 5.69 19.85 -22.22
C ARG E 402 4.51 20.16 -21.31
N LYS E 403 3.59 19.22 -21.15
CA LYS E 403 2.46 19.44 -20.26
C LYS E 403 2.92 19.65 -18.83
N ILE E 404 3.94 18.90 -18.40
CA ILE E 404 4.39 18.98 -17.01
C ILE E 404 5.03 20.33 -16.74
N ASP E 405 6.07 20.68 -17.49
CA ASP E 405 6.84 21.89 -17.20
C ASP E 405 5.96 23.14 -17.17
N ARG E 410 15.99 21.94 -19.85
CA ARG E 410 15.38 20.88 -20.63
C ARG E 410 16.03 19.55 -20.30
N PHE E 411 16.44 19.41 -19.03
CA PHE E 411 17.20 18.23 -18.61
C PHE E 411 16.44 16.94 -18.88
N ARG E 412 15.11 16.98 -18.77
CA ARG E 412 14.32 15.75 -18.84
C ARG E 412 14.19 15.23 -20.28
N GLU E 413 13.99 16.13 -21.25
CA GLU E 413 14.04 15.70 -22.64
C GLU E 413 15.37 15.04 -22.93
N HIS E 414 16.45 15.58 -22.36
CA HIS E 414 17.76 14.98 -22.53
C HIS E 414 17.82 13.60 -21.90
N LYS E 415 17.16 13.42 -20.75
CA LYS E 415 17.14 12.11 -20.12
C LYS E 415 16.43 11.08 -21.00
N ALA E 416 15.28 11.45 -21.54
CA ALA E 416 14.57 10.54 -22.42
C ALA E 416 15.42 10.18 -23.63
N LEU E 417 16.07 11.19 -24.22
CA LEU E 417 16.90 10.93 -25.38
C LEU E 417 18.05 10.01 -25.02
N LYS E 418 18.63 10.20 -23.84
CA LYS E 418 19.71 9.32 -23.40
C LYS E 418 19.24 7.87 -23.31
N THR E 419 18.07 7.64 -22.73
CA THR E 419 17.60 6.26 -22.56
C THR E 419 17.32 5.60 -23.92
N LEU E 420 16.57 6.30 -24.78
CA LEU E 420 16.27 5.70 -26.07
C LEU E 420 17.51 5.57 -26.93
N GLY E 421 18.49 6.46 -26.77
CA GLY E 421 19.71 6.35 -27.52
C GLY E 421 20.54 5.17 -27.07
N ILE E 422 20.63 4.94 -25.77
CA ILE E 422 21.29 3.73 -25.31
C ILE E 422 20.64 2.51 -25.96
N ILE E 423 19.32 2.40 -25.86
CA ILE E 423 18.63 1.23 -26.40
C ILE E 423 18.99 1.03 -27.87
N MET E 424 18.58 1.98 -28.72
CA MET E 424 18.70 1.75 -30.15
C MET E 424 20.14 1.79 -30.63
N GLY E 425 20.98 2.60 -30.02
CA GLY E 425 22.36 2.70 -30.44
C GLY E 425 23.15 1.47 -30.09
N VAL E 426 23.00 0.91 -28.89
CA VAL E 426 23.70 -0.34 -28.62
C VAL E 426 23.23 -1.42 -29.57
N PHE E 427 21.91 -1.55 -29.76
CA PHE E 427 21.45 -2.61 -30.64
C PHE E 427 22.02 -2.45 -32.05
N THR E 428 21.89 -1.25 -32.62
CA THR E 428 22.34 -1.04 -33.99
C THR E 428 23.85 -1.19 -34.12
N LEU E 429 24.61 -0.60 -33.21
CA LEU E 429 26.06 -0.68 -33.31
C LEU E 429 26.54 -2.11 -33.15
N CYS E 430 25.80 -2.95 -32.42
CA CYS E 430 26.26 -4.31 -32.22
C CYS E 430 25.84 -5.26 -33.33
N TRP E 431 24.74 -5.02 -34.04
CA TRP E 431 24.32 -5.99 -35.04
C TRP E 431 24.24 -5.48 -36.48
N LEU E 432 24.31 -4.18 -36.73
CA LEU E 432 24.12 -3.72 -38.10
C LEU E 432 25.33 -4.03 -38.97
N PRO E 433 26.56 -3.91 -38.48
CA PRO E 433 27.71 -4.28 -39.32
C PRO E 433 27.63 -5.71 -39.83
N PHE E 434 27.32 -6.67 -38.95
CA PHE E 434 27.29 -8.06 -39.38
C PHE E 434 26.27 -8.29 -40.48
N PHE E 435 25.04 -7.81 -40.30
CA PHE E 435 24.00 -8.10 -41.27
C PHE E 435 24.19 -7.31 -42.54
N LEU E 436 24.77 -6.12 -42.46
CA LEU E 436 25.15 -5.43 -43.68
C LEU E 436 26.19 -6.22 -44.45
N VAL E 437 27.24 -6.67 -43.77
CA VAL E 437 28.31 -7.35 -44.46
C VAL E 437 27.84 -8.67 -45.04
N ASN E 438 26.89 -9.35 -44.39
CA ASN E 438 26.44 -10.62 -44.93
C ASN E 438 25.36 -10.46 -45.98
N ILE E 439 24.72 -9.29 -46.08
CA ILE E 439 23.94 -9.00 -47.28
C ILE E 439 24.85 -8.62 -48.42
N VAL E 440 26.00 -8.02 -48.14
CA VAL E 440 26.94 -7.69 -49.21
C VAL E 440 27.67 -8.92 -49.71
N ASN E 441 27.92 -9.89 -48.83
CA ASN E 441 28.70 -11.07 -49.18
C ASN E 441 28.14 -11.83 -50.37
N VAL E 442 26.90 -11.57 -50.77
CA VAL E 442 26.23 -12.40 -51.75
C VAL E 442 26.27 -11.78 -53.14
N PHE E 443 26.08 -10.47 -53.24
CA PHE E 443 26.19 -9.83 -54.55
C PHE E 443 27.64 -9.77 -55.00
N ASN E 444 28.54 -9.40 -54.10
CA ASN E 444 29.96 -9.50 -54.34
C ASN E 444 30.60 -10.23 -53.17
N ARG E 445 31.80 -10.77 -53.40
CA ARG E 445 32.44 -11.63 -52.44
C ARG E 445 33.76 -11.10 -51.92
N ASP E 446 34.42 -10.21 -52.65
CA ASP E 446 35.80 -9.83 -52.36
C ASP E 446 35.91 -8.41 -51.83
N LEU E 447 34.85 -7.90 -51.21
CA LEU E 447 34.92 -6.59 -50.59
C LEU E 447 35.37 -6.71 -49.13
N VAL E 448 34.61 -7.44 -48.33
CA VAL E 448 34.87 -7.56 -46.90
C VAL E 448 35.67 -8.85 -46.68
N PRO E 449 36.88 -8.77 -46.15
CA PRO E 449 37.64 -9.99 -45.87
C PRO E 449 37.12 -10.75 -44.67
N ASP E 450 37.49 -12.03 -44.61
CA ASP E 450 36.99 -12.92 -43.58
C ASP E 450 37.06 -12.31 -42.19
N TRP E 451 38.20 -11.70 -41.85
CA TRP E 451 38.42 -11.36 -40.44
C TRP E 451 37.51 -10.24 -39.98
N LEU E 452 37.18 -9.28 -40.86
CA LEU E 452 36.25 -8.24 -40.45
C LEU E 452 34.86 -8.79 -40.26
N PHE E 453 34.46 -9.75 -41.10
CA PHE E 453 33.21 -10.46 -40.92
C PHE E 453 33.14 -11.11 -39.55
N VAL E 454 34.19 -11.85 -39.18
CA VAL E 454 34.19 -12.51 -37.88
C VAL E 454 34.12 -11.47 -36.76
N PHE E 455 34.89 -10.39 -36.87
CA PHE E 455 34.89 -9.40 -35.81
C PHE E 455 33.50 -8.78 -35.61
N PHE E 456 32.79 -8.52 -36.71
CA PHE E 456 31.46 -7.97 -36.59
C PHE E 456 30.51 -8.98 -35.96
N ASN E 457 30.73 -10.26 -36.27
CA ASN E 457 29.93 -11.31 -35.70
C ASN E 457 30.14 -11.33 -34.18
N TRP E 458 31.34 -10.97 -33.73
CA TRP E 458 31.61 -10.99 -32.30
C TRP E 458 31.08 -9.74 -31.60
N LEU E 459 31.02 -8.61 -32.29
CA LEU E 459 30.27 -7.49 -31.73
C LEU E 459 28.82 -7.89 -31.51
N GLY E 460 28.24 -8.60 -32.47
CA GLY E 460 26.94 -9.18 -32.29
C GLY E 460 26.83 -9.97 -31.01
N TYR E 461 27.68 -10.99 -30.85
CA TYR E 461 27.64 -11.78 -29.62
C TYR E 461 27.73 -10.90 -28.39
N ALA E 462 28.57 -9.87 -28.44
CA ALA E 462 28.75 -9.00 -27.28
C ALA E 462 27.46 -8.27 -26.92
N ASN E 463 26.60 -8.03 -27.90
CA ASN E 463 25.30 -7.45 -27.57
C ASN E 463 24.56 -8.24 -26.48
N SER E 464 24.84 -9.53 -26.34
CA SER E 464 24.14 -10.32 -25.32
C SER E 464 24.59 -9.99 -23.92
N ALA E 465 25.78 -9.41 -23.76
CA ALA E 465 26.22 -8.99 -22.44
C ALA E 465 25.63 -7.66 -22.03
N PHE E 466 25.13 -6.87 -22.97
CA PHE E 466 24.63 -5.54 -22.67
C PHE E 466 23.14 -5.51 -22.34
N ASN E 467 22.37 -6.51 -22.75
CA ASN E 467 20.92 -6.48 -22.51
C ASN E 467 20.58 -6.45 -21.03
N PRO E 468 21.19 -7.28 -20.18
CA PRO E 468 21.00 -7.11 -18.73
C PRO E 468 21.19 -5.69 -18.24
N ILE E 469 22.15 -4.95 -18.79
CA ILE E 469 22.37 -3.58 -18.32
C ILE E 469 21.36 -2.62 -18.93
N ILE E 470 20.86 -2.91 -20.13
CA ILE E 470 19.97 -1.95 -20.78
C ILE E 470 18.55 -2.09 -20.29
N TYR E 471 18.11 -3.29 -19.93
CA TYR E 471 16.70 -3.52 -19.65
C TYR E 471 16.38 -3.81 -18.19
N CYS E 472 17.39 -4.05 -17.35
CA CYS E 472 17.16 -4.46 -15.97
C CYS E 472 17.90 -3.56 -14.98
N ARG E 473 17.83 -2.24 -15.16
CA ARG E 473 18.45 -1.29 -14.25
C ARG E 473 17.52 -0.81 -13.14
N SER E 474 16.22 -1.03 -13.26
CA SER E 474 15.24 -0.46 -12.35
C SER E 474 15.62 -0.73 -10.89
N PRO E 475 15.09 0.05 -9.94
CA PRO E 475 15.47 -0.17 -8.54
C PRO E 475 15.10 -1.53 -7.99
N ASP E 476 13.99 -2.13 -8.43
CA ASP E 476 13.64 -3.46 -7.99
C ASP E 476 14.71 -4.48 -8.39
N PHE E 477 15.17 -4.40 -9.65
CA PHE E 477 16.25 -5.27 -10.10
C PHE E 477 17.50 -5.05 -9.26
N ARG E 478 17.80 -3.80 -8.92
CA ARG E 478 19.00 -3.52 -8.14
C ARG E 478 18.90 -4.11 -6.75
N LYS E 479 17.74 -3.98 -6.10
CA LYS E 479 17.57 -4.59 -4.79
C LYS E 479 17.72 -6.10 -4.89
N ALA E 480 17.08 -6.71 -5.88
CA ALA E 480 17.18 -8.15 -6.06
C ALA E 480 18.63 -8.57 -6.23
N PHE E 481 19.39 -7.84 -7.06
CA PHE E 481 20.78 -8.20 -7.28
C PHE E 481 21.59 -8.08 -6.00
N LYS E 482 21.46 -6.95 -5.31
CA LYS E 482 22.22 -6.75 -4.08
C LYS E 482 21.94 -7.86 -3.08
N ARG E 483 20.68 -8.30 -2.99
CA ARG E 483 20.36 -9.42 -2.11
C ARG E 483 21.00 -10.70 -2.61
N LEU E 484 20.67 -11.09 -3.85
CA LEU E 484 21.24 -12.27 -4.45
C LEU E 484 22.70 -12.44 -4.11
N LEU E 485 23.50 -11.43 -4.44
CA LEU E 485 24.93 -11.53 -4.20
C LEU E 485 25.26 -11.27 -2.75
#